data_6IX8
#
_entry.id   6IX8
#
_cell.length_a   160.800
_cell.length_b   62.562
_cell.length_c   113.836
_cell.angle_alpha   90.00
_cell.angle_beta   113.34
_cell.angle_gamma   90.00
#
_symmetry.space_group_name_H-M   'C 1 2 1'
#
loop_
_entity.id
_entity.type
_entity.pdbx_description
1 polymer 'O-methyltransferase lepI'
2 non-polymer S-ADENOSYLMETHIONINE
3 non-polymer 'CHLORIDE ION'
4 non-polymer 'SODIUM ION'
5 non-polymer "(1R,2R,4aS,8S,8aR)-2,8-dimethyl-5'-phenyl-4a,5,6,7,8,8a-hexahydro-2H,2'H-spiro[naphthalene-1,3'-pyridine]-2',4'(1'H)-dione"
6 non-polymer 1,2-ETHANEDIOL
7 non-polymer 'ACETATE ION'
8 water water
#
_entity_poly.entity_id   1
_entity_poly.type   'polypeptide(L)'
_entity_poly.pdbx_seq_one_letter_code
;MGSSHHHHHHENLYFQSNAETVAAIKTLIQQLAQSTDQFGRAEINDALRELQYSLETPFDTVMRMSLDTAQVAVARIGSD
LGLFKHLSQCASPQSAEELADHLGCGRELMSRLLRYMASVRMVQQTDDIKYISSNITQTLAVPGLEAGMRHAFENLWPVL
MALPDFLAERKYPDIVDAKDTAFQKAFNTDQDCFHWLATQPTRIANFKVLLTDERTPNFLSTFPLEKELGSWSAEPEKAL
FVDIGGGMGHACIRLREKYPNQPGRVILQDLPPVLQAAQATLPLSGIESMPHNFHTPQPVQGAKFYFLRLILRDFPDHQA
LEILQNIVPAMDAESRIVIDDGVPPEKGARWAETGTDICIMSALGSKERTQRQWEELAAKAGLQLQALYQYTWPVVNAAM
VFSLQ
;
_entity_poly.pdbx_strand_id   A,B
#
# COMPACT_ATOMS: atom_id res chain seq x y z
N SER A 17 21.66 -22.75 -8.47
CA SER A 17 20.72 -22.75 -7.35
C SER A 17 19.89 -21.45 -7.25
N ASN A 18 18.56 -21.59 -7.26
CA ASN A 18 17.70 -20.41 -7.21
C ASN A 18 17.99 -19.55 -6.00
N ALA A 19 18.03 -20.21 -4.84
CA ALA A 19 18.34 -19.54 -3.59
C ALA A 19 19.69 -18.87 -3.66
N GLU A 20 20.67 -19.54 -4.28
CA GLU A 20 22.01 -18.98 -4.35
C GLU A 20 22.04 -17.71 -5.19
N THR A 21 21.32 -17.71 -6.32
CA THR A 21 21.27 -16.53 -7.17
C THR A 21 20.58 -15.36 -6.44
N VAL A 22 19.47 -15.62 -5.74
CA VAL A 22 18.80 -14.54 -4.99
C VAL A 22 19.71 -14.00 -3.89
N ALA A 23 20.41 -14.89 -3.19
CA ALA A 23 21.27 -14.36 -2.13
C ALA A 23 22.43 -13.53 -2.72
N ALA A 24 22.93 -13.91 -3.90
CA ALA A 24 23.97 -13.13 -4.55
C ALA A 24 23.46 -11.78 -5.03
N ILE A 25 22.23 -11.73 -5.58
CA ILE A 25 21.63 -10.42 -5.88
C ILE A 25 21.58 -9.54 -4.62
N LYS A 26 21.13 -10.09 -3.49
CA LYS A 26 21.06 -9.30 -2.26
C LYS A 26 22.44 -8.81 -1.87
N THR A 27 23.45 -9.68 -1.92
CA THR A 27 24.79 -9.25 -1.54
C THR A 27 25.28 -8.12 -2.44
N LEU A 28 25.07 -8.27 -3.75
CA LEU A 28 25.64 -7.26 -4.63
CA LEU A 28 25.58 -7.28 -4.71
C LEU A 28 24.88 -5.94 -4.52
N ILE A 29 23.54 -5.97 -4.39
CA ILE A 29 22.77 -4.74 -4.20
C ILE A 29 23.14 -4.05 -2.88
N GLN A 30 23.30 -4.85 -1.81
CA GLN A 30 23.74 -4.26 -0.55
CA GLN A 30 23.74 -4.26 -0.54
C GLN A 30 25.10 -3.58 -0.67
N GLN A 31 26.06 -4.23 -1.35
CA GLN A 31 27.36 -3.62 -1.48
C GLN A 31 27.34 -2.38 -2.36
N LEU A 32 26.56 -2.41 -3.47
CA LEU A 32 26.44 -1.19 -4.28
C LEU A 32 25.79 -0.07 -3.44
N ALA A 33 24.80 -0.41 -2.61
CA ALA A 33 24.18 0.63 -1.81
C ALA A 33 25.17 1.25 -0.81
N GLN A 34 26.00 0.44 -0.18
CA GLN A 34 27.07 0.94 0.66
C GLN A 34 28.14 1.69 -0.12
N SER A 35 28.33 1.40 -1.40
CA SER A 35 29.32 2.04 -2.28
C SER A 35 28.94 3.48 -2.66
N THR A 36 27.76 3.96 -2.26
CA THR A 36 27.33 5.26 -2.76
C THR A 36 26.82 6.09 -1.60
N ASP A 37 26.18 7.24 -1.89
CA ASP A 37 25.69 8.08 -0.81
C ASP A 37 24.18 8.01 -0.71
N GLN A 38 23.60 8.87 0.13
CA GLN A 38 22.17 8.73 0.37
C GLN A 38 21.38 8.95 -0.91
N PHE A 39 21.88 9.78 -1.83
CA PHE A 39 21.12 10.06 -3.05
C PHE A 39 21.22 8.87 -4.03
N GLY A 40 22.41 8.26 -4.08
CA GLY A 40 22.55 7.03 -4.86
C GLY A 40 21.70 5.90 -4.31
N ARG A 41 21.61 5.80 -2.99
CA ARG A 41 20.74 4.77 -2.40
C ARG A 41 19.26 5.03 -2.71
N ALA A 42 18.87 6.30 -2.75
CA ALA A 42 17.47 6.59 -3.10
C ALA A 42 17.20 6.19 -4.54
N GLU A 43 18.19 6.40 -5.43
CA GLU A 43 17.99 5.97 -6.81
C GLU A 43 17.94 4.45 -6.93
N ILE A 44 18.76 3.73 -6.16
CA ILE A 44 18.75 2.26 -6.20
C ILE A 44 17.39 1.77 -5.73
N ASN A 45 16.86 2.36 -4.65
CA ASN A 45 15.57 1.90 -4.14
C ASN A 45 14.43 2.13 -5.13
N ASP A 46 14.43 3.27 -5.80
CA ASP A 46 13.40 3.49 -6.83
C ASP A 46 13.52 2.46 -7.95
N ALA A 47 14.76 2.13 -8.35
CA ALA A 47 14.96 1.13 -9.40
C ALA A 47 14.43 -0.24 -8.94
N LEU A 48 14.62 -0.57 -7.66
CA LEU A 48 14.18 -1.86 -7.14
C LEU A 48 12.67 -1.93 -7.22
N ARG A 49 12.02 -0.83 -6.90
CA ARG A 49 10.56 -0.77 -7.02
C ARG A 49 10.10 -0.90 -8.48
N GLU A 50 10.72 -0.11 -9.39
CA GLU A 50 10.44 -0.23 -10.82
C GLU A 50 10.62 -1.67 -11.32
N LEU A 51 11.68 -2.34 -10.88
CA LEU A 51 11.90 -3.72 -11.30
C LEU A 51 10.79 -4.64 -10.79
N GLN A 52 10.43 -4.50 -9.52
CA GLN A 52 9.34 -5.29 -8.96
CA GLN A 52 9.34 -5.28 -8.95
C GLN A 52 8.08 -5.16 -9.82
N TYR A 53 7.71 -3.91 -10.14
CA TYR A 53 6.46 -3.73 -10.89
C TYR A 53 6.57 -4.29 -12.29
N SER A 54 7.76 -4.21 -12.88
CA SER A 54 7.89 -4.64 -14.28
C SER A 54 7.91 -6.16 -14.37
N LEU A 55 8.35 -6.86 -13.31
CA LEU A 55 8.46 -8.31 -13.31
C LEU A 55 7.31 -9.04 -12.64
N GLU A 56 6.37 -8.35 -11.99
CA GLU A 56 5.29 -9.06 -11.33
CA GLU A 56 5.26 -9.01 -11.33
C GLU A 56 4.30 -9.56 -12.38
N THR A 57 3.63 -10.65 -12.04
CA THR A 57 2.58 -11.18 -12.93
C THR A 57 1.32 -10.34 -12.76
N PRO A 58 0.34 -10.50 -13.66
CA PRO A 58 -0.94 -9.77 -13.46
C PRO A 58 -1.57 -10.09 -12.13
N PHE A 59 -1.59 -11.37 -11.74
CA PHE A 59 -2.13 -11.71 -10.44
C PHE A 59 -1.34 -11.03 -9.32
N ASP A 60 -0.03 -11.02 -9.43
CA ASP A 60 0.83 -10.35 -8.44
C ASP A 60 0.44 -8.90 -8.25
N THR A 61 0.17 -8.19 -9.36
CA THR A 61 -0.22 -6.80 -9.28
C THR A 61 -1.45 -6.65 -8.42
N VAL A 62 -2.46 -7.46 -8.69
CA VAL A 62 -3.68 -7.39 -7.89
C VAL A 62 -3.42 -7.76 -6.42
N MET A 63 -2.60 -8.79 -6.18
CA MET A 63 -2.33 -9.18 -4.80
CA MET A 63 -2.30 -9.18 -4.80
C MET A 63 -1.60 -8.06 -4.04
N ARG A 64 -0.64 -7.40 -4.72
CA ARG A 64 0.09 -6.32 -4.07
C ARG A 64 -0.83 -5.14 -3.77
N MET A 65 -1.67 -4.74 -4.74
CA MET A 65 -2.65 -3.70 -4.44
C MET A 65 -3.65 -4.12 -3.34
N SER A 66 -4.02 -5.40 -3.26
CA SER A 66 -4.97 -5.82 -2.25
C SER A 66 -4.33 -5.79 -0.88
N LEU A 67 -3.07 -6.20 -0.79
CA LEU A 67 -2.50 -6.43 0.56
C LEU A 67 -1.61 -5.33 1.08
N ASP A 68 -0.93 -4.51 0.23
CA ASP A 68 0.07 -3.59 0.80
C ASP A 68 -0.57 -2.56 1.74
N THR A 69 -1.84 -2.20 1.48
CA THR A 69 -2.79 -1.56 2.41
C THR A 69 -2.69 -1.97 3.87
N ALA A 70 -2.65 -3.27 4.08
CA ALA A 70 -2.67 -3.84 5.41
C ALA A 70 -1.50 -3.35 6.24
N GLN A 71 -0.39 -2.95 5.63
CA GLN A 71 0.77 -2.60 6.46
C GLN A 71 0.45 -1.41 7.36
N VAL A 72 -0.29 -0.44 6.82
CA VAL A 72 -0.55 0.77 7.61
C VAL A 72 -1.44 0.41 8.81
N ALA A 73 -2.45 -0.43 8.59
CA ALA A 73 -3.34 -0.83 9.69
C ALA A 73 -2.57 -1.62 10.75
N VAL A 74 -1.67 -2.49 10.30
CA VAL A 74 -0.94 -3.30 11.27
C VAL A 74 0.11 -2.46 11.98
N ALA A 75 0.72 -1.47 11.28
CA ALA A 75 1.62 -0.55 12.01
C ALA A 75 0.83 0.22 13.07
N ARG A 76 -0.40 0.65 12.72
CA ARG A 76 -1.21 1.38 13.68
C ARG A 76 -1.51 0.53 14.91
N ILE A 77 -1.74 -0.75 14.68
CA ILE A 77 -1.99 -1.66 15.83
C ILE A 77 -0.75 -1.81 16.70
N GLY A 78 0.40 -2.04 16.05
CA GLY A 78 1.62 -2.14 16.79
C GLY A 78 1.89 -0.89 17.59
N SER A 79 1.61 0.29 17.01
CA SER A 79 1.78 1.55 17.73
C SER A 79 0.85 1.63 18.94
N ASP A 80 -0.41 1.25 18.74
CA ASP A 80 -1.38 1.24 19.85
C ASP A 80 -0.88 0.38 20.98
N LEU A 81 -0.28 -0.76 20.64
CA LEU A 81 0.16 -1.71 21.65
C LEU A 81 1.50 -1.32 22.29
N GLY A 82 2.27 -0.39 21.70
CA GLY A 82 3.59 -0.04 22.19
C GLY A 82 4.62 -1.07 21.80
N LEU A 83 4.30 -1.89 20.77
CA LEU A 83 5.13 -3.03 20.42
C LEU A 83 6.49 -2.59 19.91
N PHE A 84 6.51 -1.54 19.08
CA PHE A 84 7.78 -1.20 18.42
C PHE A 84 8.76 -0.63 19.41
N LYS A 85 8.27 0.24 20.28
CA LYS A 85 9.12 0.78 21.35
CA LYS A 85 9.10 0.79 21.36
C LYS A 85 9.65 -0.33 22.24
N HIS A 86 8.78 -1.25 22.65
CA HIS A 86 9.22 -2.34 23.53
C HIS A 86 10.26 -3.26 22.85
N LEU A 87 9.98 -3.72 21.61
CA LEU A 87 10.94 -4.58 20.92
C LEU A 87 12.28 -3.88 20.68
N SER A 88 12.24 -2.57 20.47
CA SER A 88 13.47 -1.86 20.14
CA SER A 88 13.46 -1.84 20.14
C SER A 88 14.40 -1.76 21.33
N GLN A 89 13.89 -1.97 22.53
CA GLN A 89 14.75 -1.96 23.70
C GLN A 89 15.00 -3.36 24.27
N CYS A 90 14.42 -4.42 23.72
CA CYS A 90 14.75 -5.77 24.18
C CYS A 90 16.18 -6.19 23.86
N ALA A 91 16.82 -6.92 24.78
CA ALA A 91 18.20 -7.33 24.57
C ALA A 91 18.34 -8.72 23.97
N SER A 92 17.25 -9.46 23.84
CA SER A 92 17.36 -10.79 23.26
C SER A 92 16.12 -11.03 22.40
N PRO A 93 16.12 -12.06 21.56
CA PRO A 93 14.88 -12.40 20.86
C PRO A 93 13.74 -12.72 21.84
N GLN A 94 12.53 -12.30 21.48
CA GLN A 94 11.33 -12.53 22.28
C GLN A 94 10.37 -13.48 21.58
N SER A 95 9.75 -14.39 22.32
CA SER A 95 8.71 -15.20 21.68
C SER A 95 7.41 -14.42 21.56
N ALA A 96 6.51 -14.93 20.72
CA ALA A 96 5.18 -14.31 20.60
C ALA A 96 4.43 -14.35 21.91
N GLU A 97 4.58 -15.44 22.67
CA GLU A 97 3.90 -15.54 23.96
C GLU A 97 4.41 -14.46 24.94
N GLU A 98 5.73 -14.29 24.99
CA GLU A 98 6.32 -13.28 25.86
C GLU A 98 5.79 -11.92 25.48
N LEU A 99 5.80 -11.58 24.19
CA LEU A 99 5.36 -10.24 23.82
C LEU A 99 3.88 -10.02 24.13
N ALA A 100 3.03 -11.02 23.81
CA ALA A 100 1.59 -10.92 24.06
C ALA A 100 1.33 -10.66 25.54
N ASP A 101 1.94 -11.48 26.39
CA ASP A 101 1.74 -11.30 27.83
C ASP A 101 2.23 -9.95 28.29
N HIS A 102 3.39 -9.52 27.79
CA HIS A 102 3.90 -8.23 28.24
C HIS A 102 3.03 -7.09 27.76
N LEU A 103 2.50 -7.15 26.53
CA LEU A 103 1.81 -5.98 26.00
C LEU A 103 0.30 -6.02 26.18
N GLY A 104 -0.24 -7.15 26.64
CA GLY A 104 -1.67 -7.23 26.86
C GLY A 104 -2.45 -7.44 25.57
N CYS A 105 -2.02 -8.45 24.83
CA CYS A 105 -2.63 -8.82 23.58
C CYS A 105 -2.96 -10.30 23.64
N GLY A 106 -4.07 -10.69 22.99
CA GLY A 106 -4.32 -12.11 22.82
C GLY A 106 -3.13 -12.84 22.22
N ARG A 107 -2.81 -14.03 22.75
CA ARG A 107 -1.65 -14.78 22.28
C ARG A 107 -1.73 -15.12 20.79
N GLU A 108 -2.88 -15.60 20.33
CA GLU A 108 -2.98 -16.01 18.94
C GLU A 108 -2.97 -14.79 18.03
N LEU A 109 -3.68 -13.74 18.47
CA LEU A 109 -3.64 -12.48 17.70
C LEU A 109 -2.22 -11.96 17.63
N MET A 110 -1.50 -11.94 18.76
CA MET A 110 -0.12 -11.48 18.74
C MET A 110 0.74 -12.30 17.79
N SER A 111 0.62 -13.64 17.84
CA SER A 111 1.44 -14.47 16.97
C SER A 111 1.17 -14.16 15.49
N ARG A 112 -0.10 -13.99 15.13
CA ARG A 112 -0.47 -13.75 13.74
C ARG A 112 0.01 -12.36 13.29
N LEU A 113 -0.12 -11.37 14.16
CA LEU A 113 0.41 -10.03 13.85
C LEU A 113 1.91 -10.03 13.65
N LEU A 114 2.66 -10.74 14.54
CA LEU A 114 4.13 -10.78 14.42
C LEU A 114 4.57 -11.48 13.14
N ARG A 115 3.89 -12.59 12.79
CA ARG A 115 4.24 -13.28 11.55
C ARG A 115 4.05 -12.35 10.35
N TYR A 116 2.92 -11.63 10.34
CA TYR A 116 2.70 -10.64 9.29
C TYR A 116 3.79 -9.58 9.30
N MET A 117 4.09 -9.03 10.48
CA MET A 117 5.10 -7.97 10.56
C MET A 117 6.44 -8.47 10.04
N ALA A 118 6.78 -9.70 10.36
CA ALA A 118 8.11 -10.19 9.94
C ALA A 118 8.17 -10.34 8.43
N SER A 119 7.05 -10.70 7.82
CA SER A 119 7.04 -10.92 6.38
CA SER A 119 6.99 -10.89 6.37
C SER A 119 7.25 -9.61 5.62
N VAL A 120 6.98 -8.46 6.26
CA VAL A 120 7.20 -7.16 5.61
C VAL A 120 8.28 -6.36 6.36
N ARG A 121 9.13 -7.04 7.11
CA ARG A 121 10.29 -6.45 7.81
C ARG A 121 9.91 -5.40 8.85
N MET A 122 8.65 -5.40 9.32
CA MET A 122 8.29 -4.48 10.38
C MET A 122 8.89 -4.96 11.71
N VAL A 123 9.23 -6.26 11.79
CA VAL A 123 10.10 -6.87 12.81
C VAL A 123 10.87 -7.95 12.04
N GLN A 124 11.84 -8.60 12.70
CA GLN A 124 12.49 -9.76 12.08
C GLN A 124 12.14 -11.02 12.90
N GLN A 125 11.89 -12.14 12.20
CA GLN A 125 11.65 -13.44 12.81
C GLN A 125 12.94 -14.27 12.78
N THR A 126 13.34 -14.83 13.93
CA THR A 126 14.57 -15.63 13.96
C THR A 126 14.28 -17.08 13.56
N ASP A 127 15.36 -17.86 13.40
CA ASP A 127 15.18 -19.25 12.99
C ASP A 127 14.43 -20.09 14.01
N ASP A 128 14.42 -19.69 15.28
CA ASP A 128 13.63 -20.44 16.24
C ASP A 128 12.32 -19.72 16.57
N ILE A 129 11.78 -18.98 15.58
CA ILE A 129 10.47 -18.36 15.66
C ILE A 129 10.37 -17.43 16.85
N LYS A 130 11.40 -16.62 17.09
CA LYS A 130 11.30 -15.51 18.03
C LYS A 130 11.44 -14.22 17.22
N TYR A 131 11.37 -13.06 17.90
CA TYR A 131 11.29 -11.76 17.19
C TYR A 131 12.28 -10.77 17.77
N ILE A 132 12.89 -10.00 16.86
CA ILE A 132 13.83 -8.94 17.18
C ILE A 132 13.48 -7.72 16.33
N SER A 133 14.00 -6.56 16.74
CA SER A 133 13.71 -5.34 16.01
CA SER A 133 13.72 -5.34 16.00
C SER A 133 14.45 -5.34 14.67
N SER A 134 13.83 -4.72 13.68
CA SER A 134 14.45 -4.38 12.40
C SER A 134 14.65 -2.86 12.35
N ASN A 135 15.23 -2.39 11.24
CA ASN A 135 15.29 -0.94 11.01
C ASN A 135 13.90 -0.32 11.08
N ILE A 136 12.89 -1.01 10.53
CA ILE A 136 11.53 -0.45 10.53
C ILE A 136 10.96 -0.44 11.96
N THR A 137 11.22 -1.48 12.75
CA THR A 137 10.83 -1.44 14.17
C THR A 137 11.34 -0.16 14.82
N GLN A 138 12.63 0.13 14.64
CA GLN A 138 13.22 1.31 15.26
C GLN A 138 12.59 2.59 14.77
N THR A 139 12.32 2.68 13.44
CA THR A 139 11.68 3.87 12.92
C THR A 139 10.34 4.11 13.58
N LEU A 140 9.52 3.07 13.66
CA LEU A 140 8.17 3.21 14.18
C LEU A 140 8.15 3.47 15.67
N ALA A 141 9.26 3.26 16.37
CA ALA A 141 9.38 3.62 17.78
C ALA A 141 9.67 5.10 17.97
N VAL A 142 10.16 5.81 16.96
CA VAL A 142 10.54 7.22 17.09
C VAL A 142 9.29 8.12 17.07
N PRO A 143 9.01 8.98 18.07
CA PRO A 143 7.67 9.61 18.12
C PRO A 143 7.26 10.40 16.87
N GLY A 144 8.17 11.19 16.27
CA GLY A 144 7.79 12.00 15.13
C GLY A 144 7.51 11.17 13.87
N LEU A 145 8.21 10.04 13.72
CA LEU A 145 7.98 9.12 12.60
C LEU A 145 6.74 8.25 12.85
N GLU A 146 6.59 7.76 14.08
CA GLU A 146 5.36 7.10 14.46
C GLU A 146 4.16 7.99 14.17
N ALA A 147 4.28 9.28 14.49
CA ALA A 147 3.17 10.19 14.27
C ALA A 147 2.89 10.36 12.77
N GLY A 148 3.90 10.20 11.90
CA GLY A 148 3.63 10.29 10.48
C GLY A 148 2.79 9.10 10.02
N MET A 149 3.16 7.91 10.47
CA MET A 149 2.37 6.72 10.17
C MET A 149 0.94 6.84 10.70
N ARG A 150 0.78 7.32 11.94
CA ARG A 150 -0.58 7.50 12.48
C ARG A 150 -1.37 8.52 11.67
N HIS A 151 -0.72 9.59 11.21
CA HIS A 151 -1.34 10.62 10.37
C HIS A 151 -1.84 10.02 9.06
N ALA A 152 -1.02 9.21 8.44
CA ALA A 152 -1.44 8.51 7.22
C ALA A 152 -2.71 7.71 7.45
N PHE A 153 -2.75 6.94 8.57
CA PHE A 153 -3.91 6.10 8.85
C PHE A 153 -5.16 6.93 9.10
N GLU A 154 -5.05 7.98 9.94
CA GLU A 154 -6.29 8.61 10.40
C GLU A 154 -6.72 9.80 9.54
N ASN A 155 -5.80 10.44 8.84
CA ASN A 155 -6.12 11.59 8.01
C ASN A 155 -6.04 11.31 6.52
N LEU A 156 -4.98 10.65 6.07
CA LEU A 156 -4.84 10.46 4.63
C LEU A 156 -5.75 9.33 4.13
N TRP A 157 -5.80 8.21 4.82
CA TRP A 157 -6.64 7.11 4.33
CA TRP A 157 -6.61 7.12 4.27
C TRP A 157 -8.08 7.52 4.09
N PRO A 158 -8.74 8.22 5.00
CA PRO A 158 -10.14 8.50 4.74
C PRO A 158 -10.32 9.38 3.53
N VAL A 159 -9.39 10.31 3.26
CA VAL A 159 -9.55 11.18 2.12
CA VAL A 159 -9.66 11.16 2.10
C VAL A 159 -9.40 10.39 0.82
N LEU A 160 -8.41 9.49 0.80
CA LEU A 160 -8.21 8.67 -0.38
C LEU A 160 -9.38 7.72 -0.60
N MET A 161 -9.93 7.18 0.48
CA MET A 161 -11.08 6.29 0.35
CA MET A 161 -11.09 6.29 0.37
C MET A 161 -12.29 7.02 -0.22
N ALA A 162 -12.44 8.34 0.08
CA ALA A 162 -13.57 9.10 -0.42
C ALA A 162 -13.37 9.61 -1.85
N LEU A 163 -12.12 9.67 -2.31
CA LEU A 163 -11.86 10.35 -3.57
C LEU A 163 -12.57 9.74 -4.77
N PRO A 164 -12.57 8.41 -5.01
CA PRO A 164 -13.19 7.90 -6.25
C PRO A 164 -14.66 8.24 -6.32
N ASP A 165 -15.39 8.12 -5.22
CA ASP A 165 -16.83 8.38 -5.31
C ASP A 165 -17.13 9.88 -5.34
N PHE A 166 -16.33 10.67 -4.64
CA PHE A 166 -16.39 12.13 -4.78
C PHE A 166 -16.27 12.55 -6.25
N LEU A 167 -15.23 12.07 -6.95
CA LEU A 167 -15.08 12.46 -8.34
C LEU A 167 -16.22 11.94 -9.20
N ALA A 168 -16.65 10.70 -8.94
CA ALA A 168 -17.69 10.11 -9.78
C ALA A 168 -18.97 10.92 -9.64
N GLU A 169 -19.29 11.29 -8.40
CA GLU A 169 -20.58 11.98 -8.16
C GLU A 169 -20.56 13.36 -8.78
N ARG A 170 -19.40 14.00 -8.82
CA ARG A 170 -19.26 15.34 -9.34
CA ARG A 170 -19.22 15.36 -9.34
C ARG A 170 -18.77 15.39 -10.79
N LYS A 171 -18.76 14.24 -11.47
CA LYS A 171 -18.39 14.12 -12.88
C LYS A 171 -16.99 14.70 -13.12
N TYR A 172 -16.05 14.34 -12.23
CA TYR A 172 -14.61 14.55 -12.45
C TYR A 172 -14.20 15.98 -12.63
N PRO A 173 -14.47 16.82 -11.65
CA PRO A 173 -14.06 18.22 -11.74
C PRO A 173 -12.58 18.40 -11.48
N ASP A 174 -12.09 19.53 -11.98
CA ASP A 174 -10.78 19.99 -11.57
C ASP A 174 -10.89 20.56 -10.16
N ILE A 175 -10.18 19.94 -9.20
CA ILE A 175 -10.26 20.42 -7.83
C ILE A 175 -9.40 21.66 -7.66
N VAL A 176 -10.00 22.74 -7.15
CA VAL A 176 -9.33 24.03 -7.12
C VAL A 176 -9.46 24.69 -5.76
N ASP A 177 -10.33 24.16 -4.88
CA ASP A 177 -10.77 24.87 -3.67
C ASP A 177 -10.66 23.97 -2.45
N ALA A 178 -10.02 24.47 -1.38
CA ALA A 178 -9.86 23.70 -0.15
C ALA A 178 -11.20 23.37 0.49
N LYS A 179 -12.24 24.13 0.19
CA LYS A 179 -13.54 23.84 0.77
C LYS A 179 -14.39 22.91 -0.09
N ASP A 180 -13.89 22.44 -1.25
CA ASP A 180 -14.66 21.57 -2.14
C ASP A 180 -13.79 20.46 -2.69
N THR A 181 -13.40 19.53 -1.83
CA THR A 181 -12.58 18.42 -2.26
C THR A 181 -13.02 17.15 -1.52
N ALA A 182 -12.21 16.10 -1.59
CA ALA A 182 -12.66 14.84 -1.01
C ALA A 182 -12.78 14.90 0.51
N PHE A 183 -12.00 15.78 1.16
CA PHE A 183 -11.97 15.88 2.60
C PHE A 183 -13.39 16.08 3.17
N GLN A 184 -14.19 16.88 2.49
CA GLN A 184 -15.54 17.21 3.00
C GLN A 184 -16.44 15.98 2.99
N LYS A 185 -16.31 15.13 1.97
CA LYS A 185 -17.04 13.87 1.95
CA LYS A 185 -17.05 13.88 1.96
C LYS A 185 -16.49 12.92 2.99
N ALA A 186 -15.15 12.80 3.07
CA ALA A 186 -14.54 11.88 4.01
C ALA A 186 -14.96 12.17 5.45
N PHE A 187 -15.08 13.44 5.83
CA PHE A 187 -15.30 13.73 7.23
C PHE A 187 -16.68 14.34 7.46
N ASN A 188 -17.52 14.33 6.43
CA ASN A 188 -18.90 14.81 6.53
C ASN A 188 -18.96 16.19 7.21
N THR A 189 -18.27 17.15 6.59
CA THR A 189 -18.17 18.52 7.10
C THR A 189 -18.13 19.45 5.90
N ASP A 190 -18.54 20.69 6.12
CA ASP A 190 -18.35 21.72 5.10
C ASP A 190 -17.14 22.60 5.40
N GLN A 191 -16.44 22.32 6.50
CA GLN A 191 -15.21 23.01 6.83
C GLN A 191 -14.05 22.59 5.92
N ASP A 192 -13.03 23.42 5.83
CA ASP A 192 -11.82 22.91 5.17
C ASP A 192 -10.96 22.18 6.19
N CYS A 193 -9.99 21.41 5.67
CA CYS A 193 -9.26 20.49 6.52
C CYS A 193 -8.61 21.24 7.68
N PHE A 194 -7.94 22.36 7.39
CA PHE A 194 -7.25 23.05 8.45
C PHE A 194 -8.22 23.51 9.53
N HIS A 195 -9.36 24.10 9.13
CA HIS A 195 -10.34 24.54 10.14
C HIS A 195 -10.90 23.36 10.95
N TRP A 196 -11.19 22.24 10.28
CA TRP A 196 -11.78 21.10 10.97
C TRP A 196 -10.82 20.47 11.95
N LEU A 197 -9.53 20.37 11.56
CA LEU A 197 -8.60 19.68 12.46
C LEU A 197 -8.48 20.44 13.77
N ALA A 198 -8.65 21.75 13.72
CA ALA A 198 -8.39 22.48 14.95
C ALA A 198 -9.49 22.28 15.98
N THR A 199 -10.58 21.58 15.61
CA THR A 199 -11.65 21.20 16.54
C THR A 199 -11.49 19.79 17.10
N GLN A 200 -10.49 19.02 16.66
CA GLN A 200 -10.40 17.59 16.97
C GLN A 200 -9.18 17.28 17.85
N PRO A 201 -9.33 17.17 19.17
CA PRO A 201 -8.12 17.18 20.03
C PRO A 201 -7.19 15.99 19.81
N THR A 202 -7.73 14.84 19.43
CA THR A 202 -6.95 13.63 19.19
C THR A 202 -5.94 13.87 18.07
N ARG A 203 -6.46 14.41 16.99
CA ARG A 203 -5.68 14.70 15.81
C ARG A 203 -4.69 15.81 16.05
N ILE A 204 -5.10 16.84 16.82
CA ILE A 204 -4.19 17.91 17.18
C ILE A 204 -3.00 17.34 17.93
N ALA A 205 -3.23 16.39 18.85
CA ALA A 205 -2.09 15.90 19.62
C ALA A 205 -1.09 15.21 18.70
N ASN A 206 -1.61 14.40 17.76
CA ASN A 206 -0.71 13.72 16.84
C ASN A 206 0.05 14.71 15.96
N PHE A 207 -0.62 15.75 15.44
CA PHE A 207 0.10 16.80 14.71
C PHE A 207 1.22 17.45 15.53
N LYS A 208 0.97 17.69 16.82
CA LYS A 208 2.01 18.28 17.66
C LYS A 208 3.28 17.43 17.60
N VAL A 209 3.11 16.10 17.68
CA VAL A 209 4.27 15.24 17.66
C VAL A 209 4.87 15.25 16.26
N LEU A 210 4.03 15.27 15.26
CA LEU A 210 4.52 15.22 13.88
C LEU A 210 5.45 16.39 13.59
N LEU A 211 5.18 17.55 14.20
CA LEU A 211 6.03 18.73 13.99
C LEU A 211 7.42 18.54 14.52
N THR A 212 7.63 17.60 15.45
CA THR A 212 8.97 17.39 15.98
C THR A 212 9.87 16.55 15.07
N ASP A 213 9.32 15.98 13.98
CA ASP A 213 10.13 15.18 13.05
C ASP A 213 10.89 16.12 12.13
N GLU A 214 12.19 16.20 12.30
CA GLU A 214 13.01 17.05 11.43
C GLU A 214 13.46 16.26 10.21
N ARG A 215 13.18 16.77 9.01
CA ARG A 215 13.67 16.11 7.81
C ARG A 215 15.15 16.32 7.59
N THR A 216 15.78 15.31 7.00
CA THR A 216 17.17 15.42 6.63
C THR A 216 17.38 14.84 5.23
N PRO A 217 18.28 15.42 4.39
CA PRO A 217 19.10 16.61 4.64
C PRO A 217 18.20 17.88 4.54
N ASN A 218 18.77 19.05 4.82
CA ASN A 218 18.00 20.29 4.72
C ASN A 218 18.76 21.26 3.81
N PHE A 219 18.09 22.39 3.49
CA PHE A 219 18.60 23.32 2.48
C PHE A 219 20.00 23.85 2.77
N LEU A 220 20.40 23.91 4.05
CA LEU A 220 21.71 24.48 4.35
C LEU A 220 22.84 23.60 3.84
N SER A 221 22.55 22.35 3.47
CA SER A 221 23.61 21.54 2.85
C SER A 221 24.09 22.09 1.51
N THR A 222 23.26 22.82 0.76
CA THR A 222 23.67 23.34 -0.54
C THR A 222 23.44 24.82 -0.68
N PHE A 223 22.76 25.47 0.27
CA PHE A 223 22.46 26.89 0.13
C PHE A 223 23.73 27.74 0.29
N PRO A 224 24.11 28.51 -0.70
CA PRO A 224 25.36 29.31 -0.59
C PRO A 224 25.06 30.61 0.14
N LEU A 225 24.99 30.50 1.46
N LEU A 225 24.94 30.53 1.46
CA LEU A 225 24.54 31.58 2.33
CA LEU A 225 24.48 31.69 2.24
C LEU A 225 25.37 32.85 2.14
C LEU A 225 25.37 32.90 2.07
N GLU A 226 26.70 32.73 2.16
CA GLU A 226 27.55 33.92 2.06
C GLU A 226 27.42 34.56 0.67
N LYS A 227 27.28 33.74 -0.36
CA LYS A 227 27.05 34.29 -1.71
C LYS A 227 25.74 35.07 -1.76
N GLU A 228 24.68 34.48 -1.21
CA GLU A 228 23.37 35.14 -1.26
C GLU A 228 23.32 36.38 -0.37
N LEU A 229 24.10 36.40 0.71
CA LEU A 229 24.14 37.58 1.58
C LEU A 229 24.77 38.79 0.87
N GLY A 230 25.75 38.54 0.03
CA GLY A 230 26.66 39.56 -0.45
C GLY A 230 27.11 40.48 0.68
N SER A 231 26.91 41.76 0.45
CA SER A 231 27.40 42.77 1.41
C SER A 231 26.30 43.25 2.35
N TRP A 232 25.19 42.50 2.48
CA TRP A 232 24.11 42.90 3.38
C TRP A 232 24.66 43.15 4.76
N SER A 233 24.17 44.22 5.36
CA SER A 233 24.60 44.61 6.68
C SER A 233 23.48 44.29 7.65
N ALA A 234 23.84 43.67 8.76
CA ALA A 234 22.90 43.52 9.85
C ALA A 234 22.80 44.78 10.70
N GLU A 235 23.62 45.79 10.43
CA GLU A 235 23.56 47.01 11.24
C GLU A 235 22.48 47.94 10.70
N PRO A 236 21.76 48.68 11.53
CA PRO A 236 21.91 48.74 12.99
C PRO A 236 21.41 47.50 13.69
N GLU A 237 20.18 47.04 13.40
CA GLU A 237 19.59 45.91 14.12
C GLU A 237 18.65 45.13 13.18
N LYS A 238 19.17 44.71 12.04
CA LYS A 238 18.30 44.12 11.03
C LYS A 238 18.18 42.62 11.23
N ALA A 239 17.16 42.03 10.58
CA ALA A 239 16.89 40.62 10.68
C ALA A 239 17.52 39.84 9.53
N LEU A 240 18.29 38.81 9.87
CA LEU A 240 18.91 37.93 8.89
C LEU A 240 17.89 36.92 8.29
N PHE A 241 17.04 36.34 9.14
CA PHE A 241 16.24 35.18 8.78
C PHE A 241 14.91 35.21 9.54
N VAL A 242 13.80 35.16 8.81
CA VAL A 242 12.44 35.19 9.39
C VAL A 242 11.80 33.88 8.92
N ASP A 243 11.63 32.94 9.84
CA ASP A 243 11.13 31.60 9.53
C ASP A 243 9.60 31.64 9.68
N ILE A 244 8.89 31.78 8.55
CA ILE A 244 7.45 32.05 8.58
C ILE A 244 6.69 30.71 8.58
N GLY A 245 5.92 30.48 9.64
CA GLY A 245 5.33 29.16 9.86
C GLY A 245 6.43 28.17 10.19
N GLY A 246 7.43 28.57 11.02
CA GLY A 246 8.59 27.70 11.21
C GLY A 246 8.42 26.53 12.17
N GLY A 247 7.24 26.37 12.79
CA GLY A 247 7.05 25.15 13.54
C GLY A 247 7.91 25.11 14.79
N MET A 248 8.68 24.04 14.96
CA MET A 248 9.59 23.97 16.11
C MET A 248 10.84 24.83 15.93
N GLY A 249 11.02 25.43 14.75
CA GLY A 249 12.16 26.32 14.53
C GLY A 249 13.41 25.60 14.08
N HIS A 250 13.26 24.36 13.60
CA HIS A 250 14.44 23.62 13.16
C HIS A 250 15.30 24.42 12.17
N ALA A 251 14.68 25.13 11.21
CA ALA A 251 15.50 25.86 10.25
C ALA A 251 16.35 26.93 10.95
N CYS A 252 15.76 27.60 11.96
CA CYS A 252 16.47 28.64 12.73
C CYS A 252 17.61 28.03 13.52
N ILE A 253 17.34 26.88 14.15
CA ILE A 253 18.37 26.18 14.90
C ILE A 253 19.53 25.76 14.00
N ARG A 254 19.21 25.17 12.83
CA ARG A 254 20.30 24.72 11.99
C ARG A 254 21.08 25.88 11.36
N LEU A 255 20.40 27.00 11.06
CA LEU A 255 21.08 28.18 10.53
C LEU A 255 22.09 28.69 11.56
N ARG A 256 21.66 28.83 12.80
CA ARG A 256 22.57 29.39 13.81
C ARG A 256 23.70 28.41 14.07
N GLU A 257 23.42 27.12 13.89
CA GLU A 257 24.45 26.10 14.12
C GLU A 257 25.50 26.09 13.01
N LYS A 258 25.07 26.18 11.74
CA LYS A 258 26.02 26.18 10.64
C LYS A 258 26.73 27.53 10.48
N TYR A 259 26.07 28.63 10.84
CA TYR A 259 26.58 30.00 10.63
C TYR A 259 26.58 30.75 11.94
N PRO A 260 27.35 30.27 12.92
CA PRO A 260 27.31 30.86 14.26
C PRO A 260 27.83 32.28 14.32
N ASN A 261 28.60 32.72 13.32
CA ASN A 261 29.24 34.03 13.33
C ASN A 261 28.56 35.05 12.42
N GLN A 262 27.46 34.71 11.77
CA GLN A 262 26.75 35.67 10.93
C GLN A 262 25.80 36.53 11.76
N PRO A 263 25.94 37.85 11.73
CA PRO A 263 25.07 38.72 12.55
C PRO A 263 23.68 38.89 11.93
N GLY A 264 22.72 39.32 12.78
CA GLY A 264 21.38 39.57 12.28
C GLY A 264 20.37 38.80 13.15
N ARG A 265 19.17 39.37 13.30
CA ARG A 265 18.14 38.69 14.08
C ARG A 265 17.72 37.40 13.37
N VAL A 266 17.43 36.37 14.15
CA VAL A 266 16.86 35.13 13.60
C VAL A 266 15.54 34.92 14.32
N ILE A 267 14.44 34.87 13.56
CA ILE A 267 13.11 35.04 14.15
C ILE A 267 12.25 33.87 13.71
N LEU A 268 11.72 33.12 14.67
CA LEU A 268 10.76 32.05 14.41
C LEU A 268 9.37 32.66 14.53
N GLN A 269 8.58 32.57 13.45
CA GLN A 269 7.18 33.04 13.50
C GLN A 269 6.23 31.86 13.36
N ASP A 270 5.26 31.76 14.28
CA ASP A 270 4.20 30.75 14.15
C ASP A 270 3.03 31.19 15.04
N LEU A 271 2.04 30.33 15.17
CA LEU A 271 0.92 30.64 16.08
C LEU A 271 1.30 30.34 17.53
N PRO A 272 0.63 30.99 18.50
CA PRO A 272 1.11 30.94 19.90
C PRO A 272 1.22 29.52 20.45
N PRO A 273 0.26 28.61 20.19
CA PRO A 273 0.41 27.26 20.78
C PRO A 273 1.61 26.52 20.24
N VAL A 274 1.94 26.74 18.96
CA VAL A 274 3.13 26.10 18.38
C VAL A 274 4.41 26.71 18.96
N LEU A 275 4.45 28.04 19.08
CA LEU A 275 5.60 28.69 19.72
C LEU A 275 5.81 28.17 21.13
N GLN A 276 4.73 28.03 21.92
CA GLN A 276 4.93 27.54 23.27
C GLN A 276 5.53 26.13 23.24
N ALA A 277 5.05 25.28 22.32
CA ALA A 277 5.65 23.95 22.14
C ALA A 277 7.12 24.04 21.75
N ALA A 278 7.52 25.05 20.97
CA ALA A 278 8.88 25.12 20.51
C ALA A 278 9.86 25.50 21.61
N GLN A 279 9.39 26.13 22.70
CA GLN A 279 10.30 26.74 23.68
C GLN A 279 11.22 25.69 24.32
N ALA A 280 10.67 24.50 24.59
CA ALA A 280 11.43 23.46 25.30
C ALA A 280 12.77 23.20 24.63
N THR A 281 12.82 23.23 23.30
CA THR A 281 14.02 22.80 22.60
C THR A 281 14.69 23.92 21.81
N LEU A 282 14.24 25.14 21.93
CA LEU A 282 14.94 26.24 21.29
C LEU A 282 16.20 26.61 22.08
N PRO A 283 17.22 27.13 21.39
CA PRO A 283 18.41 27.64 22.11
C PRO A 283 17.99 28.64 23.17
N LEU A 284 18.83 28.77 24.20
CA LEU A 284 18.54 29.75 25.24
C LEU A 284 18.62 31.17 24.72
N SER A 285 19.46 31.43 23.73
CA SER A 285 19.58 32.75 23.16
C SER A 285 19.79 32.64 21.65
N GLY A 286 19.55 33.74 20.96
CA GLY A 286 19.90 33.85 19.58
C GLY A 286 18.74 33.70 18.62
N ILE A 287 17.60 33.17 19.09
CA ILE A 287 16.44 32.95 18.21
C ILE A 287 15.21 33.53 18.87
N GLU A 288 14.58 34.49 18.22
CA GLU A 288 13.38 35.11 18.77
C GLU A 288 12.16 34.29 18.42
N SER A 289 11.18 34.29 19.32
CA SER A 289 9.91 33.63 19.03
C SER A 289 8.86 34.71 18.91
N MET A 290 8.29 34.85 17.74
CA MET A 290 7.38 35.96 17.44
C MET A 290 6.04 35.43 16.98
N PRO A 291 4.97 35.61 17.73
CA PRO A 291 3.66 35.14 17.27
C PRO A 291 3.26 35.94 16.04
N HIS A 292 2.84 35.25 14.99
CA HIS A 292 2.47 35.93 13.75
C HIS A 292 1.64 34.98 12.93
N ASN A 293 0.48 35.46 12.48
CA ASN A 293 -0.38 34.69 11.61
C ASN A 293 0.01 35.08 10.18
N PHE A 294 0.40 34.10 9.34
CA PHE A 294 0.95 34.49 8.04
C PHE A 294 -0.13 34.89 7.01
N HIS A 295 -1.39 34.94 7.42
CA HIS A 295 -2.42 35.60 6.64
C HIS A 295 -2.53 37.08 6.95
N THR A 296 -1.62 37.63 7.77
CA THR A 296 -1.63 39.07 8.03
C THR A 296 -0.32 39.68 7.53
N PRO A 297 -0.23 41.01 7.40
CA PRO A 297 1.00 41.63 6.91
C PRO A 297 2.22 41.27 7.75
N GLN A 298 3.34 41.00 7.06
CA GLN A 298 4.61 40.65 7.71
C GLN A 298 5.13 41.81 8.57
N PRO A 299 5.28 41.63 9.89
CA PRO A 299 5.70 42.79 10.71
C PRO A 299 7.18 43.12 10.63
N VAL A 300 8.07 42.14 10.38
CA VAL A 300 9.51 42.41 10.35
C VAL A 300 9.90 43.03 9.01
N GLN A 301 10.46 44.24 9.06
CA GLN A 301 10.79 44.99 7.87
C GLN A 301 12.24 44.81 7.43
N GLY A 302 12.45 44.64 6.12
CA GLY A 302 13.80 44.65 5.56
C GLY A 302 14.70 43.50 5.95
N ALA A 303 14.12 42.35 6.26
CA ALA A 303 14.94 41.18 6.54
C ALA A 303 15.65 40.69 5.29
N LYS A 304 16.79 40.03 5.47
CA LYS A 304 17.49 39.50 4.29
C LYS A 304 16.69 38.34 3.68
N PHE A 305 16.26 37.38 4.51
CA PHE A 305 15.59 36.15 4.04
C PHE A 305 14.26 35.98 4.76
N TYR A 306 13.17 35.87 4.00
CA TYR A 306 11.88 35.49 4.55
C TYR A 306 11.65 34.08 4.05
N PHE A 307 11.59 33.12 4.97
CA PHE A 307 11.71 31.70 4.62
C PHE A 307 10.38 30.99 4.83
N LEU A 308 9.95 30.24 3.81
CA LEU A 308 8.69 29.51 3.80
C LEU A 308 9.00 28.07 3.39
N ARG A 309 9.10 27.18 4.38
CA ARG A 309 9.40 25.77 4.11
C ARG A 309 8.16 24.89 4.34
N LEU A 310 7.77 24.18 3.25
CA LEU A 310 6.60 23.28 3.26
C LEU A 310 5.35 24.03 3.72
N ILE A 311 5.22 25.30 3.31
CA ILE A 311 4.05 26.09 3.65
C ILE A 311 3.13 26.15 2.44
N LEU A 312 3.67 26.65 1.32
CA LEU A 312 2.78 27.05 0.23
C LEU A 312 2.23 25.84 -0.51
N ARG A 313 2.88 24.67 -0.41
CA ARG A 313 2.28 23.48 -1.04
C ARG A 313 0.89 23.15 -0.46
N ASP A 314 0.58 23.61 0.77
CA ASP A 314 -0.67 23.28 1.43
C ASP A 314 -1.83 24.17 1.00
N PHE A 315 -1.62 25.11 0.08
CA PHE A 315 -2.61 26.10 -0.27
C PHE A 315 -2.78 26.15 -1.79
N PRO A 316 -4.02 26.19 -2.30
CA PRO A 316 -4.26 26.53 -3.69
C PRO A 316 -3.72 27.91 -4.05
N ASP A 317 -3.62 28.16 -5.35
CA ASP A 317 -2.97 29.38 -5.80
C ASP A 317 -3.51 30.66 -5.16
N HIS A 318 -4.83 30.78 -5.02
CA HIS A 318 -5.38 32.04 -4.53
C HIS A 318 -4.86 32.34 -3.13
N GLN A 319 -4.85 31.33 -2.27
CA GLN A 319 -4.41 31.50 -0.89
C GLN A 319 -2.89 31.59 -0.80
N ALA A 320 -2.16 30.79 -1.61
CA ALA A 320 -0.71 30.89 -1.57
C ALA A 320 -0.26 32.28 -1.98
N LEU A 321 -0.95 32.81 -2.99
CA LEU A 321 -0.64 34.16 -3.44
C LEU A 321 -0.84 35.19 -2.33
N GLU A 322 -1.94 35.07 -1.56
CA GLU A 322 -2.20 35.99 -0.43
C GLU A 322 -1.08 35.93 0.60
N ILE A 323 -0.58 34.72 0.89
CA ILE A 323 0.53 34.61 1.84
C ILE A 323 1.78 35.36 1.34
N LEU A 324 2.10 35.21 0.05
CA LEU A 324 3.22 35.93 -0.54
C LEU A 324 2.97 37.46 -0.52
N GLN A 325 1.75 37.88 -0.88
CA GLN A 325 1.43 39.32 -0.90
C GLN A 325 1.49 39.96 0.49
N ASN A 326 1.30 39.18 1.55
CA ASN A 326 1.49 39.73 2.88
C ASN A 326 2.96 40.00 3.20
N ILE A 327 3.90 39.37 2.50
CA ILE A 327 5.33 39.56 2.79
C ILE A 327 5.92 40.66 1.93
N VAL A 328 5.53 40.74 0.68
CA VAL A 328 6.20 41.62 -0.28
C VAL A 328 6.33 43.07 0.20
N PRO A 329 5.33 43.69 0.86
CA PRO A 329 5.49 45.11 1.25
C PRO A 329 6.57 45.33 2.30
N ALA A 330 6.95 44.30 3.07
CA ALA A 330 8.04 44.41 4.05
C ALA A 330 9.43 44.37 3.45
N MET A 331 9.57 43.93 2.19
CA MET A 331 10.87 43.71 1.56
C MET A 331 11.55 45.01 1.15
N ASP A 332 12.85 45.08 1.33
CA ASP A 332 13.63 46.09 0.63
C ASP A 332 14.37 45.44 -0.55
N ALA A 333 15.21 46.20 -1.25
CA ALA A 333 15.77 45.69 -2.49
C ALA A 333 16.66 44.46 -2.25
N GLU A 334 17.31 44.40 -1.07
CA GLU A 334 18.13 43.26 -0.77
C GLU A 334 17.36 42.08 -0.19
N SER A 335 16.11 42.28 0.26
CA SER A 335 15.36 41.16 0.84
C SER A 335 15.12 40.08 -0.20
N ARG A 336 14.99 38.84 0.27
CA ARG A 336 14.58 37.73 -0.61
C ARG A 336 13.53 36.91 0.10
N ILE A 337 12.58 36.37 -0.66
CA ILE A 337 11.68 35.36 -0.12
C ILE A 337 12.27 34.03 -0.57
N VAL A 338 12.43 33.10 0.36
CA VAL A 338 13.04 31.82 0.06
C VAL A 338 11.92 30.78 0.25
N ILE A 339 11.49 30.15 -0.85
CA ILE A 339 10.47 29.12 -0.78
C ILE A 339 11.21 27.80 -0.83
N ASP A 340 11.09 27.01 0.23
CA ASP A 340 11.74 25.70 0.37
C ASP A 340 10.63 24.67 0.29
N ASP A 341 10.57 23.94 -0.81
CA ASP A 341 9.37 23.12 -1.07
C ASP A 341 9.71 22.16 -2.20
N GLY A 342 8.73 21.33 -2.55
CA GLY A 342 8.95 20.39 -3.67
C GLY A 342 8.90 21.12 -5.00
N VAL A 343 9.78 20.69 -5.91
CA VAL A 343 9.85 21.27 -7.27
C VAL A 343 9.94 20.11 -8.27
N PRO A 344 8.86 19.36 -8.46
CA PRO A 344 8.93 18.20 -9.33
C PRO A 344 9.24 18.61 -10.75
N PRO A 345 9.83 17.71 -11.55
CA PRO A 345 10.14 18.03 -12.95
C PRO A 345 8.89 18.09 -13.80
N GLU A 346 9.11 18.61 -15.04
CA GLU A 346 8.06 18.70 -16.06
C GLU A 346 7.55 17.34 -16.51
N LYS A 347 8.41 16.33 -16.45
CA LYS A 347 8.02 14.98 -16.79
C LYS A 347 8.91 14.00 -16.03
N GLY A 348 8.44 12.75 -16.01
CA GLY A 348 9.18 11.73 -15.25
C GLY A 348 9.22 11.96 -13.74
N ALA A 349 8.22 12.60 -13.18
CA ALA A 349 8.23 12.81 -11.74
C ALA A 349 8.11 11.47 -11.01
N ARG A 350 8.70 11.40 -9.82
CA ARG A 350 8.76 10.16 -9.04
C ARG A 350 7.49 9.92 -8.19
N TRP A 351 7.28 8.68 -7.73
CA TRP A 351 6.02 8.38 -7.04
C TRP A 351 5.84 9.23 -5.77
N ALA A 352 6.90 9.57 -5.04
CA ALA A 352 6.66 10.41 -3.86
C ALA A 352 6.20 11.82 -4.25
N GLU A 353 6.57 12.28 -5.43
CA GLU A 353 6.16 13.63 -5.88
C GLU A 353 4.72 13.61 -6.36
N THR A 354 4.36 12.62 -7.16
CA THR A 354 3.01 12.61 -7.68
C THR A 354 2.03 12.10 -6.64
N GLY A 355 2.44 11.15 -5.81
CA GLY A 355 1.57 10.71 -4.72
C GLY A 355 1.25 11.87 -3.77
N THR A 356 2.25 12.69 -3.47
CA THR A 356 1.99 13.87 -2.66
C THR A 356 0.98 14.77 -3.34
N ASP A 357 1.15 14.99 -4.63
CA ASP A 357 0.20 15.82 -5.38
C ASP A 357 -1.26 15.34 -5.25
N ILE A 358 -1.49 14.01 -5.42
CA ILE A 358 -2.87 13.48 -5.33
C ILE A 358 -3.42 13.57 -3.92
N CYS A 359 -2.57 13.34 -2.90
CA CYS A 359 -2.99 13.42 -1.51
C CYS A 359 -3.33 14.83 -1.11
N ILE A 360 -2.48 15.81 -1.49
CA ILE A 360 -2.80 17.18 -1.05
C ILE A 360 -3.96 17.75 -1.87
N MET A 361 -4.14 17.31 -3.12
CA MET A 361 -5.36 17.65 -3.84
C MET A 361 -6.60 17.19 -3.09
N SER A 362 -6.55 15.94 -2.59
CA SER A 362 -7.72 15.31 -1.97
C SER A 362 -8.06 15.91 -0.61
N ALA A 363 -7.02 16.27 0.16
CA ALA A 363 -7.23 16.76 1.52
C ALA A 363 -7.35 18.28 1.56
N LEU A 364 -6.50 19.00 0.80
CA LEU A 364 -6.33 20.44 0.95
C LEU A 364 -6.76 21.24 -0.26
N GLY A 365 -7.08 20.59 -1.38
CA GLY A 365 -7.37 21.25 -2.62
C GLY A 365 -6.16 21.88 -3.32
N SER A 366 -4.98 21.59 -2.88
CA SER A 366 -3.77 22.25 -3.39
C SER A 366 -3.04 21.32 -4.39
N LYS A 367 -1.73 21.52 -4.56
CA LYS A 367 -1.03 20.81 -5.64
C LYS A 367 0.48 20.94 -5.42
N GLU A 368 1.23 19.99 -5.99
CA GLU A 368 2.68 20.18 -6.19
C GLU A 368 2.85 21.13 -7.36
N ARG A 369 3.96 21.87 -7.36
CA ARG A 369 4.23 22.86 -8.40
C ARG A 369 5.61 22.62 -9.02
N THR A 370 5.65 22.61 -10.36
CA THR A 370 6.92 22.64 -11.08
C THR A 370 7.60 23.99 -10.91
N GLN A 371 8.87 24.05 -11.33
CA GLN A 371 9.58 25.32 -11.28
C GLN A 371 8.82 26.41 -12.04
N ARG A 372 8.30 26.09 -13.23
CA ARG A 372 7.56 27.11 -13.98
C ARG A 372 6.32 27.56 -13.26
N GLN A 373 5.62 26.62 -12.61
CA GLN A 373 4.41 26.95 -11.84
C GLN A 373 4.73 27.82 -10.62
N TRP A 374 5.80 27.50 -9.88
CA TRP A 374 6.25 28.41 -8.80
C TRP A 374 6.52 29.81 -9.34
N GLU A 375 7.22 29.89 -10.48
CA GLU A 375 7.53 31.22 -11.05
C GLU A 375 6.28 31.98 -11.47
N GLU A 376 5.29 31.29 -12.04
CA GLU A 376 4.06 32.00 -12.40
C GLU A 376 3.33 32.51 -11.15
N LEU A 377 3.31 31.69 -10.09
CA LEU A 377 2.67 32.11 -8.86
C LEU A 377 3.39 33.31 -8.28
N ALA A 378 4.72 33.23 -8.18
CA ALA A 378 5.47 34.33 -7.56
C ALA A 378 5.41 35.57 -8.41
N ALA A 379 5.36 35.42 -9.75
CA ALA A 379 5.21 36.62 -10.58
C ALA A 379 3.94 37.40 -10.27
N LYS A 380 2.86 36.71 -9.87
CA LYS A 380 1.63 37.40 -9.53
C LYS A 380 1.77 38.26 -8.28
N ALA A 381 2.73 37.95 -7.42
CA ALA A 381 3.02 38.77 -6.24
C ALA A 381 4.10 39.78 -6.51
N GLY A 382 4.54 39.90 -7.76
CA GLY A 382 5.58 40.85 -8.07
C GLY A 382 6.99 40.39 -7.83
N LEU A 383 7.23 39.05 -7.81
CA LEU A 383 8.55 38.48 -7.53
C LEU A 383 9.18 37.82 -8.76
N GLN A 384 10.52 37.78 -8.79
CA GLN A 384 11.28 37.09 -9.82
C GLN A 384 12.24 36.10 -9.18
N LEU A 385 12.42 34.95 -9.83
CA LEU A 385 13.32 33.90 -9.34
C LEU A 385 14.76 34.28 -9.64
N GLN A 386 15.62 34.40 -8.61
CA GLN A 386 17.03 34.72 -8.77
C GLN A 386 17.89 33.47 -8.82
N ALA A 387 17.53 32.43 -8.07
CA ALA A 387 18.35 31.23 -7.97
C ALA A 387 17.53 30.11 -7.37
N LEU A 388 17.99 28.88 -7.65
CA LEU A 388 17.32 27.70 -7.10
C LEU A 388 18.36 26.70 -6.67
N TYR A 389 18.30 26.25 -5.41
CA TYR A 389 19.34 25.40 -4.86
C TYR A 389 18.70 24.10 -4.40
N GLN A 390 18.77 23.08 -5.28
CA GLN A 390 18.27 21.75 -4.93
C GLN A 390 19.10 21.18 -3.79
N TYR A 391 18.46 20.41 -2.91
CA TYR A 391 19.22 19.72 -1.85
C TYR A 391 18.80 18.28 -1.62
N THR A 392 17.81 17.73 -2.37
CA THR A 392 17.52 16.30 -2.34
C THR A 392 17.39 15.81 -3.77
N TRP A 393 17.67 14.52 -3.95
CA TRP A 393 17.65 13.81 -5.27
C TRP A 393 17.27 12.37 -4.96
N PRO A 394 16.50 11.71 -5.81
CA PRO A 394 15.93 12.22 -7.05
C PRO A 394 14.61 13.00 -6.87
N VAL A 395 13.92 12.88 -5.72
CA VAL A 395 12.76 13.72 -5.46
C VAL A 395 13.29 15.11 -5.17
N VAL A 396 12.78 16.12 -5.89
CA VAL A 396 13.36 17.47 -5.87
C VAL A 396 12.78 18.27 -4.70
N ASN A 397 13.62 18.60 -3.73
CA ASN A 397 13.33 19.68 -2.79
C ASN A 397 14.41 20.73 -3.00
N ALA A 398 14.01 22.01 -2.99
CA ALA A 398 14.96 23.06 -3.36
C ALA A 398 14.55 24.32 -2.64
N ALA A 399 15.54 25.13 -2.28
CA ALA A 399 15.33 26.49 -1.79
C ALA A 399 15.34 27.45 -2.99
N MET A 400 14.18 27.96 -3.33
CA MET A 400 14.03 28.90 -4.45
C MET A 400 14.13 30.33 -3.88
N VAL A 401 15.00 31.17 -4.46
CA VAL A 401 15.27 32.53 -3.93
C VAL A 401 14.64 33.53 -4.87
N PHE A 402 13.65 34.29 -4.37
CA PHE A 402 12.93 35.30 -5.14
C PHE A 402 13.23 36.70 -4.64
N SER A 403 13.36 37.64 -5.58
CA SER A 403 13.52 39.05 -5.26
C SER A 403 12.32 39.82 -5.83
N LEU A 404 12.19 41.07 -5.37
CA LEU A 404 11.30 42.02 -6.04
C LEU A 404 11.61 42.10 -7.54
N GLN A 405 10.57 42.31 -8.34
CA GLN A 405 10.75 42.45 -9.78
C GLN A 405 11.41 43.79 -10.03
N SER B 17 28.73 7.05 -12.04
CA SER B 17 27.42 7.67 -12.31
C SER B 17 26.24 6.86 -11.76
N ASN B 18 25.38 7.51 -10.96
CA ASN B 18 24.22 6.79 -10.39
C ASN B 18 23.31 6.28 -11.49
N ALA B 19 23.01 7.10 -12.47
CA ALA B 19 22.15 6.68 -13.54
C ALA B 19 22.72 5.43 -14.22
N GLU B 20 24.03 5.41 -14.48
CA GLU B 20 24.62 4.24 -15.14
C GLU B 20 24.55 3.01 -14.26
N THR B 21 24.88 3.16 -12.97
CA THR B 21 24.78 2.02 -12.05
C THR B 21 23.36 1.48 -12.00
N VAL B 22 22.39 2.37 -11.82
CA VAL B 22 21.00 1.91 -11.73
C VAL B 22 20.53 1.19 -13.00
N ALA B 23 20.93 1.70 -14.17
CA ALA B 23 20.53 1.05 -15.39
C ALA B 23 21.21 -0.32 -15.51
N ALA B 24 22.44 -0.42 -15.00
CA ALA B 24 23.12 -1.73 -15.04
C ALA B 24 22.46 -2.74 -14.11
N ILE B 25 22.06 -2.30 -12.93
CA ILE B 25 21.29 -3.17 -12.06
C ILE B 25 20.03 -3.65 -12.75
N LYS B 26 19.30 -2.75 -13.44
CA LYS B 26 18.08 -3.19 -14.09
C LYS B 26 18.36 -4.20 -15.18
N THR B 27 19.42 -3.95 -15.99
CA THR B 27 19.75 -4.87 -17.06
C THR B 27 20.08 -6.24 -16.52
N LEU B 28 20.85 -6.29 -15.41
CA LEU B 28 21.27 -7.63 -14.95
C LEU B 28 20.11 -8.37 -14.29
N ILE B 29 19.26 -7.67 -13.52
CA ILE B 29 18.16 -8.38 -12.89
CA ILE B 29 18.10 -8.31 -12.88
C ILE B 29 17.13 -8.84 -13.94
N GLN B 30 16.88 -8.03 -14.98
CA GLN B 30 16.00 -8.46 -16.08
CA GLN B 30 15.99 -8.47 -16.06
C GLN B 30 16.52 -9.70 -16.77
N GLN B 31 17.83 -9.76 -17.04
CA GLN B 31 18.40 -10.92 -17.68
C GLN B 31 18.30 -12.15 -16.79
N LEU B 32 18.59 -12.01 -15.50
CA LEU B 32 18.43 -13.13 -14.58
C LEU B 32 16.96 -13.57 -14.48
N ALA B 33 16.06 -12.60 -14.44
CA ALA B 33 14.64 -12.96 -14.37
C ALA B 33 14.19 -13.74 -15.60
N GLN B 34 14.60 -13.29 -16.80
CA GLN B 34 14.13 -13.94 -18.04
C GLN B 34 14.55 -15.37 -18.13
N SER B 35 15.65 -15.70 -17.51
CA SER B 35 16.28 -16.99 -17.65
CA SER B 35 16.22 -17.00 -17.71
C SER B 35 15.73 -18.02 -16.70
N THR B 36 14.94 -17.62 -15.71
CA THR B 36 14.43 -18.58 -14.74
C THR B 36 12.97 -18.81 -15.10
N ASP B 37 12.25 -19.55 -14.27
CA ASP B 37 10.85 -19.83 -14.50
C ASP B 37 10.00 -19.00 -13.55
N GLN B 38 8.68 -19.21 -13.60
CA GLN B 38 7.79 -18.31 -12.87
C GLN B 38 8.10 -18.33 -11.37
N PHE B 39 8.48 -19.49 -10.84
CA PHE B 39 8.78 -19.61 -9.42
C PHE B 39 10.05 -18.87 -9.06
N GLY B 40 11.07 -18.97 -9.93
CA GLY B 40 12.28 -18.19 -9.70
C GLY B 40 12.03 -16.69 -9.79
N ARG B 41 11.17 -16.27 -10.71
CA ARG B 41 10.89 -14.84 -10.81
C ARG B 41 10.16 -14.37 -9.55
N ALA B 42 9.29 -15.21 -9.01
CA ALA B 42 8.59 -14.82 -7.76
C ALA B 42 9.58 -14.68 -6.62
N GLU B 43 10.58 -15.55 -6.58
CA GLU B 43 11.62 -15.43 -5.56
C GLU B 43 12.46 -14.18 -5.78
N ILE B 44 12.79 -13.85 -7.04
CA ILE B 44 13.50 -12.59 -7.28
C ILE B 44 12.66 -11.41 -6.84
N ASN B 45 11.38 -11.43 -7.16
CA ASN B 45 10.52 -10.28 -6.79
C ASN B 45 10.45 -10.10 -5.27
N ASP B 46 10.35 -11.19 -4.54
CA ASP B 46 10.30 -11.06 -3.08
CA ASP B 46 10.33 -11.14 -3.06
C ASP B 46 11.62 -10.51 -2.55
N ALA B 47 12.74 -10.90 -3.18
CA ALA B 47 14.05 -10.40 -2.73
C ALA B 47 14.18 -8.92 -3.04
N LEU B 48 13.59 -8.45 -4.13
CA LEU B 48 13.68 -7.01 -4.40
C LEU B 48 12.87 -6.21 -3.38
N ARG B 49 11.70 -6.70 -3.00
CA ARG B 49 10.93 -6.05 -1.93
C ARG B 49 11.71 -6.03 -0.62
N GLU B 50 12.33 -7.16 -0.29
CA GLU B 50 13.10 -7.25 0.96
C GLU B 50 14.26 -6.28 0.96
N LEU B 51 14.93 -6.14 -0.19
CA LEU B 51 16.01 -5.19 -0.30
C LEU B 51 15.51 -3.77 -0.14
N GLN B 52 14.40 -3.44 -0.81
CA GLN B 52 13.79 -2.12 -0.67
CA GLN B 52 13.83 -2.12 -0.68
C GLN B 52 13.60 -1.78 0.79
N TYR B 53 12.99 -2.71 1.55
CA TYR B 53 12.67 -2.40 2.96
C TYR B 53 13.94 -2.29 3.80
N SER B 54 14.96 -3.14 3.53
CA SER B 54 16.15 -3.11 4.34
C SER B 54 16.98 -1.86 4.09
N LEU B 55 16.91 -1.29 2.86
CA LEU B 55 17.74 -0.14 2.45
C LEU B 55 17.04 1.22 2.54
N GLU B 56 15.73 1.26 2.76
CA GLU B 56 15.04 2.54 2.82
C GLU B 56 15.42 3.30 4.10
N THR B 57 15.31 4.62 4.05
CA THR B 57 15.57 5.41 5.25
C THR B 57 14.33 5.44 6.13
N PRO B 58 14.48 5.90 7.38
CA PRO B 58 13.28 6.02 8.24
C PRO B 58 12.17 6.86 7.62
N PHE B 59 12.49 8.01 7.02
CA PHE B 59 11.42 8.77 6.42
C PHE B 59 10.85 8.10 5.16
N ASP B 60 11.70 7.39 4.40
CA ASP B 60 11.20 6.55 3.30
C ASP B 60 10.08 5.59 3.76
N THR B 61 10.29 4.93 4.92
CA THR B 61 9.31 4.00 5.44
C THR B 61 7.99 4.71 5.63
N VAL B 62 8.03 5.90 6.24
CA VAL B 62 6.80 6.65 6.48
C VAL B 62 6.16 7.09 5.17
N MET B 63 6.96 7.53 4.20
CA MET B 63 6.40 8.02 2.94
C MET B 63 5.76 6.87 2.18
N ARG B 64 6.40 5.69 2.20
CA ARG B 64 5.80 4.56 1.48
C ARG B 64 4.50 4.15 2.16
N MET B 65 4.50 4.06 3.50
CA MET B 65 3.23 3.75 4.16
C MET B 65 2.18 4.85 3.92
N SER B 66 2.60 6.12 3.84
CA SER B 66 1.63 7.17 3.62
C SER B 66 1.04 7.10 2.23
N LEU B 67 1.83 6.70 1.24
CA LEU B 67 1.41 6.90 -0.14
C LEU B 67 1.05 5.63 -0.90
N ASP B 68 1.55 4.45 -0.57
CA ASP B 68 1.30 3.31 -1.47
C ASP B 68 -0.19 2.97 -1.54
N THR B 69 -0.90 3.25 -0.45
CA THR B 69 -2.36 3.31 -0.34
C THR B 69 -3.06 3.90 -1.57
N ALA B 70 -2.53 5.03 -1.99
CA ALA B 70 -3.16 5.82 -3.02
C ALA B 70 -3.27 5.04 -4.31
N GLN B 71 -2.43 4.01 -4.52
CA GLN B 71 -2.54 3.29 -5.79
C GLN B 71 -3.92 2.64 -5.96
N VAL B 72 -4.47 2.07 -4.88
CA VAL B 72 -5.76 1.40 -5.00
C VAL B 72 -6.86 2.41 -5.37
N ALA B 73 -6.84 3.58 -4.73
CA ALA B 73 -7.83 4.62 -5.01
C ALA B 73 -7.72 5.12 -6.45
N VAL B 74 -6.48 5.32 -6.90
CA VAL B 74 -6.34 5.84 -8.28
C VAL B 74 -6.68 4.75 -9.30
N ALA B 75 -6.33 3.47 -9.02
CA ALA B 75 -6.76 2.40 -9.93
C ALA B 75 -8.29 2.35 -9.98
N ARG B 76 -8.95 2.57 -8.84
CA ARG B 76 -10.42 2.55 -8.86
C ARG B 76 -10.97 3.68 -9.74
N ILE B 77 -10.34 4.84 -9.69
CA ILE B 77 -10.77 5.98 -10.51
C ILE B 77 -10.55 5.65 -11.97
N GLY B 78 -9.38 5.10 -12.29
CA GLY B 78 -9.12 4.73 -13.67
C GLY B 78 -10.13 3.71 -14.18
N SER B 79 -10.48 2.75 -13.35
CA SER B 79 -11.51 1.78 -13.72
C SER B 79 -12.89 2.44 -13.93
N ASP B 80 -13.25 3.37 -13.02
CA ASP B 80 -14.52 4.10 -13.18
C ASP B 80 -14.56 4.82 -14.50
N LEU B 81 -13.45 5.41 -14.91
CA LEU B 81 -13.40 6.13 -16.16
C LEU B 81 -13.29 5.24 -17.40
N GLY B 82 -13.02 3.95 -17.26
CA GLY B 82 -12.70 3.11 -18.40
C GLY B 82 -11.35 3.39 -19.03
N LEU B 83 -10.44 4.04 -18.28
CA LEU B 83 -9.16 4.48 -18.82
C LEU B 83 -8.30 3.29 -19.26
N PHE B 84 -8.23 2.23 -18.43
CA PHE B 84 -7.26 1.17 -18.73
C PHE B 84 -7.68 0.35 -19.94
N LYS B 85 -8.97 0.01 -20.01
CA LYS B 85 -9.55 -0.62 -21.19
C LYS B 85 -9.30 0.22 -22.43
N HIS B 86 -9.48 1.54 -22.32
CA HIS B 86 -9.32 2.40 -23.50
C HIS B 86 -7.86 2.50 -23.93
N LEU B 87 -6.97 2.74 -22.98
CA LEU B 87 -5.55 2.92 -23.36
C LEU B 87 -4.98 1.61 -23.91
N SER B 88 -5.48 0.50 -23.40
CA SER B 88 -5.02 -0.84 -23.81
C SER B 88 -5.29 -1.09 -25.29
N GLN B 89 -6.32 -0.48 -25.83
CA GLN B 89 -6.63 -0.62 -27.23
C GLN B 89 -6.21 0.56 -28.10
N CYS B 90 -5.51 1.58 -27.58
CA CYS B 90 -5.09 2.67 -28.45
C CYS B 90 -3.85 2.28 -29.25
N ALA B 91 -3.78 2.75 -30.50
CA ALA B 91 -2.66 2.40 -31.34
C ALA B 91 -1.50 3.38 -31.29
N SER B 92 -1.67 4.56 -30.72
CA SER B 92 -0.62 5.55 -30.65
C SER B 92 -0.66 6.15 -29.26
N PRO B 93 0.42 6.82 -28.82
CA PRO B 93 0.39 7.57 -27.54
C PRO B 93 -0.69 8.63 -27.56
N GLN B 94 -1.32 8.83 -26.42
CA GLN B 94 -2.43 9.76 -26.27
C GLN B 94 -2.01 10.88 -25.34
N SER B 95 -2.39 12.14 -25.64
CA SER B 95 -2.13 13.19 -24.66
C SER B 95 -3.15 13.13 -23.53
N ALA B 96 -2.81 13.80 -22.43
CA ALA B 96 -3.76 13.88 -21.33
C ALA B 96 -5.05 14.54 -21.77
N GLU B 97 -4.95 15.58 -22.62
CA GLU B 97 -6.13 16.29 -23.09
C GLU B 97 -7.01 15.38 -23.95
N GLU B 98 -6.40 14.59 -24.83
CA GLU B 98 -7.16 13.63 -25.61
C GLU B 98 -7.88 12.63 -24.71
N LEU B 99 -7.18 12.08 -23.71
CA LEU B 99 -7.82 11.13 -22.82
C LEU B 99 -8.93 11.79 -22.01
N ALA B 100 -8.70 13.00 -21.48
CA ALA B 100 -9.74 13.65 -20.68
C ALA B 100 -10.99 13.87 -21.51
N ASP B 101 -10.80 14.37 -22.73
CA ASP B 101 -11.95 14.63 -23.58
C ASP B 101 -12.69 13.36 -23.93
N HIS B 102 -11.96 12.30 -24.25
CA HIS B 102 -12.59 11.05 -24.61
C HIS B 102 -13.34 10.42 -23.44
N LEU B 103 -12.76 10.44 -22.23
CA LEU B 103 -13.35 9.73 -21.10
C LEU B 103 -14.26 10.58 -20.23
N GLY B 104 -14.37 11.87 -20.48
CA GLY B 104 -15.22 12.73 -19.66
C GLY B 104 -14.63 13.11 -18.32
N CYS B 105 -13.36 13.51 -18.32
CA CYS B 105 -12.66 13.87 -17.10
C CYS B 105 -12.17 15.30 -17.22
N GLY B 106 -12.17 16.04 -16.11
CA GLY B 106 -11.55 17.35 -16.11
C GLY B 106 -10.14 17.25 -16.65
N ARG B 107 -9.71 18.19 -17.46
CA ARG B 107 -8.39 18.10 -18.09
C ARG B 107 -7.22 18.17 -17.11
N GLU B 108 -7.26 19.09 -16.15
CA GLU B 108 -6.20 19.17 -15.15
C GLU B 108 -6.20 17.92 -14.24
N LEU B 109 -7.36 17.46 -13.82
CA LEU B 109 -7.47 16.23 -13.03
C LEU B 109 -6.89 15.04 -13.81
N MET B 110 -7.30 14.90 -15.08
CA MET B 110 -6.78 13.81 -15.88
C MET B 110 -5.25 13.84 -15.96
N SER B 111 -4.69 15.03 -16.18
CA SER B 111 -3.26 15.13 -16.33
C SER B 111 -2.55 14.71 -15.04
N ARG B 112 -3.05 15.21 -13.88
CA ARG B 112 -2.47 14.83 -12.59
C ARG B 112 -2.61 13.33 -12.33
N LEU B 113 -3.78 12.75 -12.66
CA LEU B 113 -3.94 11.31 -12.46
C LEU B 113 -2.96 10.53 -13.34
N LEU B 114 -2.79 10.95 -14.62
CA LEU B 114 -1.89 10.20 -15.52
C LEU B 114 -0.43 10.31 -15.06
N ARG B 115 0.00 11.50 -14.60
CA ARG B 115 1.36 11.59 -14.08
C ARG B 115 1.59 10.69 -12.86
N TYR B 116 0.59 10.63 -11.98
CA TYR B 116 0.70 9.74 -10.84
C TYR B 116 0.74 8.28 -11.33
N MET B 117 -0.13 7.93 -12.26
CA MET B 117 -0.17 6.54 -12.72
C MET B 117 1.16 6.17 -13.39
N ALA B 118 1.74 7.09 -14.14
CA ALA B 118 3.01 6.75 -14.81
C ALA B 118 4.11 6.53 -13.78
N SER B 119 4.09 7.26 -12.68
CA SER B 119 5.16 7.11 -11.70
CA SER B 119 5.13 7.12 -11.65
C SER B 119 5.10 5.77 -10.98
N VAL B 120 3.94 5.08 -11.00
CA VAL B 120 3.80 3.75 -10.38
C VAL B 120 3.56 2.67 -11.44
N ARG B 121 3.85 2.97 -12.70
CA ARG B 121 3.81 2.06 -13.84
C ARG B 121 2.43 1.59 -14.18
N MET B 122 1.39 2.30 -13.72
CA MET B 122 0.03 1.91 -14.08
CA MET B 122 0.02 1.92 -14.08
C MET B 122 -0.28 2.27 -15.52
N VAL B 123 0.44 3.27 -16.05
CA VAL B 123 0.55 3.57 -17.49
C VAL B 123 2.02 3.88 -17.74
N GLN B 124 2.39 4.15 -19.00
CA GLN B 124 3.73 4.65 -19.28
C GLN B 124 3.64 6.05 -19.86
N GLN B 125 4.53 6.95 -19.41
CA GLN B 125 4.62 8.31 -19.97
C GLN B 125 5.75 8.36 -21.00
N THR B 126 5.46 8.92 -22.18
CA THR B 126 6.49 9.02 -23.22
C THR B 126 7.36 10.26 -23.00
N ASP B 127 8.45 10.37 -23.77
CA ASP B 127 9.29 11.57 -23.62
C ASP B 127 8.60 12.84 -24.07
N ASP B 128 7.54 12.77 -24.89
CA ASP B 128 6.80 13.99 -25.17
C ASP B 128 5.54 14.11 -24.35
N ILE B 129 5.54 13.49 -23.15
CA ILE B 129 4.45 13.65 -22.17
C ILE B 129 3.11 13.22 -22.80
N LYS B 130 3.13 12.07 -23.46
CA LYS B 130 1.93 11.38 -23.85
C LYS B 130 1.92 10.03 -23.12
N TYR B 131 0.89 9.23 -23.35
CA TYR B 131 0.63 8.08 -22.48
C TYR B 131 0.32 6.85 -23.31
N ILE B 132 0.89 5.71 -22.89
CA ILE B 132 0.67 4.41 -23.54
C ILE B 132 0.46 3.37 -22.45
N SER B 133 -0.18 2.28 -22.84
CA SER B 133 -0.38 1.19 -21.87
C SER B 133 0.93 0.55 -21.43
N SER B 134 1.02 0.24 -20.13
CA SER B 134 2.02 -0.67 -19.57
C SER B 134 1.43 -2.06 -19.33
N ASN B 135 2.29 -2.97 -18.82
CA ASN B 135 1.80 -4.28 -18.36
CA ASN B 135 1.73 -4.27 -18.46
C ASN B 135 0.65 -4.11 -17.38
N ILE B 136 0.82 -3.18 -16.44
CA ILE B 136 -0.23 -3.00 -15.45
C ILE B 136 -1.51 -2.45 -16.08
N THR B 137 -1.38 -1.53 -17.06
CA THR B 137 -2.60 -1.07 -17.77
C THR B 137 -3.39 -2.27 -18.29
N GLN B 138 -2.67 -3.20 -18.94
CA GLN B 138 -3.35 -4.36 -19.54
C GLN B 138 -3.99 -5.22 -18.48
N THR B 139 -3.28 -5.42 -17.35
CA THR B 139 -3.84 -6.17 -16.26
C THR B 139 -5.15 -5.58 -15.77
N LEU B 140 -5.17 -4.27 -15.52
CA LEU B 140 -6.34 -3.64 -14.96
C LEU B 140 -7.48 -3.53 -15.97
N ALA B 141 -7.22 -3.82 -17.25
CA ALA B 141 -8.29 -3.91 -18.26
C ALA B 141 -8.94 -5.30 -18.32
N VAL B 142 -8.32 -6.32 -17.75
CA VAL B 142 -8.91 -7.68 -17.75
C VAL B 142 -10.06 -7.71 -16.74
N PRO B 143 -11.29 -8.12 -17.12
CA PRO B 143 -12.39 -7.98 -16.15
C PRO B 143 -12.14 -8.59 -14.81
N GLY B 144 -11.69 -9.85 -14.77
CA GLY B 144 -11.57 -10.49 -13.48
C GLY B 144 -10.50 -9.87 -12.60
N LEU B 145 -9.43 -9.34 -13.23
CA LEU B 145 -8.37 -8.70 -12.42
C LEU B 145 -8.80 -7.30 -11.98
N GLU B 146 -9.46 -6.56 -12.88
CA GLU B 146 -10.11 -5.32 -12.49
C GLU B 146 -11.00 -5.55 -11.31
N ALA B 147 -11.80 -6.65 -11.34
CA ALA B 147 -12.72 -6.91 -10.25
C ALA B 147 -11.98 -7.21 -8.96
N GLY B 148 -10.81 -7.83 -9.05
CA GLY B 148 -10.01 -8.01 -7.84
C GLY B 148 -9.57 -6.68 -7.21
N MET B 149 -9.09 -5.74 -8.04
CA MET B 149 -8.72 -4.44 -7.53
C MET B 149 -9.95 -3.71 -6.94
N ARG B 150 -11.10 -3.84 -7.62
CA ARG B 150 -12.29 -3.17 -7.10
C ARG B 150 -12.74 -3.77 -5.76
N HIS B 151 -12.62 -5.09 -5.62
CA HIS B 151 -12.89 -5.79 -4.36
C HIS B 151 -11.97 -5.31 -3.24
N ALA B 152 -10.68 -5.16 -3.54
CA ALA B 152 -9.77 -4.65 -2.53
C ALA B 152 -10.23 -3.29 -2.01
N PHE B 153 -10.64 -2.42 -2.93
CA PHE B 153 -11.06 -1.08 -2.56
C PHE B 153 -12.36 -1.10 -1.73
N GLU B 154 -13.38 -1.80 -2.20
CA GLU B 154 -14.69 -1.61 -1.57
C GLU B 154 -14.93 -2.57 -0.42
N ASN B 155 -14.28 -3.74 -0.42
CA ASN B 155 -14.48 -4.71 0.67
C ASN B 155 -13.28 -4.82 1.59
N LEU B 156 -12.06 -4.90 1.09
CA LEU B 156 -10.95 -5.12 2.02
C LEU B 156 -10.58 -3.83 2.75
N TRP B 157 -10.46 -2.71 2.02
CA TRP B 157 -9.98 -1.51 2.70
CA TRP B 157 -10.04 -1.46 2.67
C TRP B 157 -10.86 -1.10 3.89
N PRO B 158 -12.21 -1.11 3.82
CA PRO B 158 -12.99 -0.73 4.99
C PRO B 158 -12.75 -1.66 6.18
N VAL B 159 -12.52 -2.95 5.96
CA VAL B 159 -12.33 -3.83 7.10
CA VAL B 159 -12.35 -3.80 7.14
C VAL B 159 -10.97 -3.59 7.76
N LEU B 160 -9.95 -3.37 6.93
CA LEU B 160 -8.64 -3.02 7.46
C LEU B 160 -8.66 -1.68 8.18
N MET B 161 -9.41 -0.72 7.64
CA MET B 161 -9.51 0.57 8.34
CA MET B 161 -9.51 0.56 8.32
C MET B 161 -10.19 0.43 9.69
N ALA B 162 -11.09 -0.55 9.84
CA ALA B 162 -11.79 -0.70 11.12
C ALA B 162 -11.01 -1.51 12.14
N LEU B 163 -10.06 -2.33 11.68
CA LEU B 163 -9.43 -3.31 12.57
C LEU B 163 -8.72 -2.66 13.76
N PRO B 164 -7.89 -1.60 13.61
CA PRO B 164 -7.13 -1.16 14.79
C PRO B 164 -8.03 -0.72 15.94
N ASP B 165 -9.07 0.04 15.63
CA ASP B 165 -9.95 0.50 16.71
C ASP B 165 -10.84 -0.62 17.21
N PHE B 166 -11.25 -1.55 16.32
CA PHE B 166 -11.99 -2.72 16.77
C PHE B 166 -11.19 -3.48 17.83
N LEU B 167 -9.89 -3.74 17.55
CA LEU B 167 -9.09 -4.47 18.52
C LEU B 167 -8.88 -3.67 19.78
N ALA B 168 -8.65 -2.36 19.66
CA ALA B 168 -8.37 -1.56 20.86
C ALA B 168 -9.57 -1.56 21.78
N GLU B 169 -10.76 -1.37 21.23
CA GLU B 169 -11.93 -1.23 22.08
C GLU B 169 -12.32 -2.55 22.70
N ARG B 170 -11.89 -3.66 22.12
CA ARG B 170 -12.15 -4.99 22.63
CA ARG B 170 -12.14 -5.02 22.58
C ARG B 170 -10.96 -5.62 23.35
N LYS B 171 -9.93 -4.81 23.61
CA LYS B 171 -8.74 -5.20 24.38
C LYS B 171 -8.08 -6.41 23.75
N TYR B 172 -7.95 -6.38 22.38
CA TYR B 172 -7.11 -7.32 21.64
C TYR B 172 -7.50 -8.75 21.86
N PRO B 173 -8.75 -9.10 21.51
CA PRO B 173 -9.16 -10.49 21.57
C PRO B 173 -8.60 -11.32 20.45
N ASP B 174 -8.54 -12.59 20.70
CA ASP B 174 -8.35 -13.55 19.63
C ASP B 174 -9.64 -13.62 18.80
N ILE B 175 -9.54 -13.33 17.50
CA ILE B 175 -10.73 -13.37 16.63
C ILE B 175 -10.96 -14.79 16.21
N VAL B 176 -12.18 -15.27 16.44
CA VAL B 176 -12.54 -16.65 16.22
C VAL B 176 -13.89 -16.82 15.55
N ASP B 177 -14.68 -15.75 15.39
CA ASP B 177 -16.08 -15.85 14.96
C ASP B 177 -16.39 -14.92 13.78
N ALA B 178 -17.02 -15.47 12.72
CA ALA B 178 -17.34 -14.63 11.55
C ALA B 178 -18.33 -13.54 11.86
N LYS B 179 -19.14 -13.70 12.91
CA LYS B 179 -20.11 -12.67 13.29
C LYS B 179 -19.54 -11.66 14.29
N ASP B 180 -18.26 -11.77 14.69
CA ASP B 180 -17.67 -10.86 15.66
C ASP B 180 -16.24 -10.51 15.25
N THR B 181 -16.11 -9.70 14.19
CA THR B 181 -14.77 -9.30 13.78
C THR B 181 -14.87 -7.88 13.20
N ALA B 182 -13.80 -7.44 12.52
CA ALA B 182 -13.80 -6.03 12.14
C ALA B 182 -14.90 -5.72 11.12
N PHE B 183 -15.32 -6.71 10.34
CA PHE B 183 -16.35 -6.48 9.35
C PHE B 183 -17.60 -5.78 9.93
N GLN B 184 -18.06 -6.24 11.09
CA GLN B 184 -19.31 -5.71 11.64
C GLN B 184 -19.18 -4.23 11.98
N LYS B 185 -18.01 -3.80 12.44
CA LYS B 185 -17.85 -2.36 12.69
C LYS B 185 -17.76 -1.61 11.39
N ALA B 186 -17.02 -2.17 10.42
CA ALA B 186 -16.77 -1.49 9.16
C ALA B 186 -18.05 -1.22 8.42
N PHE B 187 -19.01 -2.14 8.51
CA PHE B 187 -20.21 -2.01 7.69
C PHE B 187 -21.45 -1.83 8.56
N ASN B 188 -21.25 -1.59 9.86
CA ASN B 188 -22.34 -1.28 10.81
C ASN B 188 -23.51 -2.25 10.66
N THR B 189 -23.21 -3.55 10.86
CA THR B 189 -24.18 -4.62 10.67
C THR B 189 -23.83 -5.73 11.66
N ASP B 190 -24.84 -6.53 12.02
CA ASP B 190 -24.57 -7.72 12.80
C ASP B 190 -24.54 -8.96 11.92
N GLN B 191 -24.65 -8.79 10.60
CA GLN B 191 -24.57 -9.93 9.69
C GLN B 191 -23.12 -10.37 9.54
N ASP B 192 -22.90 -11.66 9.23
CA ASP B 192 -21.55 -12.01 8.78
C ASP B 192 -21.34 -11.55 7.33
N CYS B 193 -20.06 -11.47 6.93
CA CYS B 193 -19.70 -10.87 5.65
C CYS B 193 -20.42 -11.54 4.46
N PHE B 194 -20.39 -12.87 4.38
CA PHE B 194 -21.01 -13.52 3.22
C PHE B 194 -22.51 -13.24 3.15
N HIS B 195 -23.17 -13.24 4.30
CA HIS B 195 -24.62 -12.98 4.31
C HIS B 195 -24.90 -11.54 3.91
N TRP B 196 -24.13 -10.59 4.48
CA TRP B 196 -24.31 -9.20 4.09
C TRP B 196 -24.05 -8.97 2.60
N LEU B 197 -22.94 -9.54 2.07
CA LEU B 197 -22.64 -9.28 0.67
C LEU B 197 -23.77 -9.74 -0.22
N ALA B 198 -24.43 -10.84 0.17
CA ALA B 198 -25.45 -11.37 -0.73
C ALA B 198 -26.66 -10.49 -0.75
N THR B 199 -26.73 -9.47 0.11
CA THR B 199 -27.81 -8.48 0.03
C THR B 199 -27.41 -7.23 -0.75
N GLN B 200 -26.20 -7.13 -1.31
CA GLN B 200 -25.72 -5.91 -1.93
C GLN B 200 -25.49 -6.12 -3.42
N PRO B 201 -26.40 -5.68 -4.30
CA PRO B 201 -26.32 -6.06 -5.72
C PRO B 201 -25.05 -5.70 -6.46
N THR B 202 -24.52 -4.49 -6.30
CA THR B 202 -23.32 -4.14 -7.08
C THR B 202 -22.13 -4.97 -6.64
N ARG B 203 -22.09 -5.32 -5.35
CA ARG B 203 -20.98 -6.08 -4.80
C ARG B 203 -21.04 -7.50 -5.30
N ILE B 204 -22.25 -8.08 -5.32
CA ILE B 204 -22.48 -9.40 -5.92
C ILE B 204 -22.00 -9.42 -7.35
N ALA B 205 -22.29 -8.36 -8.09
CA ALA B 205 -21.96 -8.37 -9.50
C ALA B 205 -20.44 -8.35 -9.66
N ASN B 206 -19.76 -7.56 -8.84
CA ASN B 206 -18.31 -7.55 -8.97
C ASN B 206 -17.72 -8.92 -8.62
N PHE B 207 -18.27 -9.62 -7.60
CA PHE B 207 -17.79 -10.97 -7.30
C PHE B 207 -17.95 -11.96 -8.46
N LYS B 208 -19.09 -11.93 -9.12
CA LYS B 208 -19.25 -12.83 -10.26
C LYS B 208 -18.19 -12.57 -11.33
N VAL B 209 -17.74 -11.32 -11.48
CA VAL B 209 -16.68 -11.13 -12.45
C VAL B 209 -15.38 -11.68 -11.90
N LEU B 210 -15.20 -11.54 -10.60
CA LEU B 210 -13.98 -12.02 -9.96
C LEU B 210 -13.78 -13.52 -10.16
N LEU B 211 -14.87 -14.29 -10.24
CA LEU B 211 -14.74 -15.73 -10.45
C LEU B 211 -14.21 -16.08 -11.82
N THR B 212 -14.24 -15.14 -12.77
CA THR B 212 -13.80 -15.48 -14.12
C THR B 212 -12.29 -15.53 -14.26
N ASP B 213 -11.56 -15.06 -13.26
CA ASP B 213 -10.09 -15.07 -13.27
C ASP B 213 -9.60 -16.45 -12.82
N GLU B 214 -8.91 -17.16 -13.70
CA GLU B 214 -8.43 -18.49 -13.39
C GLU B 214 -6.96 -18.38 -12.97
N ARG B 215 -6.63 -18.95 -11.80
CA ARG B 215 -5.26 -18.91 -11.32
C ARG B 215 -4.40 -19.91 -12.10
N THR B 216 -3.14 -19.55 -12.30
N THR B 216 -3.13 -19.55 -12.29
CA THR B 216 -2.14 -20.38 -12.93
CA THR B 216 -2.20 -20.45 -12.90
C THR B 216 -0.88 -20.38 -12.09
C THR B 216 -0.89 -20.39 -12.13
N PRO B 217 -0.21 -21.52 -11.95
CA PRO B 217 -0.58 -22.87 -12.40
C PRO B 217 -1.64 -23.46 -11.47
N ASN B 218 -2.07 -24.68 -11.78
CA ASN B 218 -3.09 -25.31 -10.97
C ASN B 218 -2.61 -26.68 -10.58
N PHE B 219 -3.42 -27.31 -9.70
CA PHE B 219 -2.97 -28.54 -9.06
C PHE B 219 -2.69 -29.69 -10.03
N LEU B 220 -3.29 -29.67 -11.22
CA LEU B 220 -3.07 -30.81 -12.11
C LEU B 220 -1.63 -30.83 -12.63
N SER B 221 -0.87 -29.77 -12.40
CA SER B 221 0.52 -29.77 -12.84
C SER B 221 1.37 -30.75 -12.04
N THR B 222 1.02 -31.03 -10.79
CA THR B 222 1.76 -31.98 -9.95
C THR B 222 0.89 -33.10 -9.33
N PHE B 223 -0.41 -33.10 -9.54
CA PHE B 223 -1.25 -34.13 -8.96
C PHE B 223 -1.14 -35.45 -9.75
N PRO B 224 -0.66 -36.49 -9.13
CA PRO B 224 -0.48 -37.81 -9.82
C PRO B 224 -1.81 -38.57 -9.87
N LEU B 225 -2.63 -38.17 -10.83
CA LEU B 225 -4.01 -38.64 -10.88
C LEU B 225 -4.05 -40.16 -11.00
N GLU B 226 -3.26 -40.71 -11.94
CA GLU B 226 -3.25 -42.16 -12.14
C GLU B 226 -2.84 -42.90 -10.88
N LYS B 227 -1.81 -42.44 -10.20
CA LYS B 227 -1.38 -43.13 -8.99
C LYS B 227 -2.47 -43.07 -7.92
N GLU B 228 -3.08 -41.89 -7.74
CA GLU B 228 -4.11 -41.74 -6.74
C GLU B 228 -5.33 -42.59 -7.03
N LEU B 229 -5.66 -42.79 -8.31
CA LEU B 229 -6.81 -43.60 -8.69
C LEU B 229 -6.58 -45.09 -8.45
N GLY B 230 -5.35 -45.56 -8.69
CA GLY B 230 -5.08 -46.99 -8.72
C GLY B 230 -6.05 -47.71 -9.62
N SER B 231 -6.75 -48.70 -9.07
CA SER B 231 -7.69 -49.53 -9.81
C SER B 231 -9.14 -49.07 -9.72
N TRP B 232 -9.41 -47.91 -9.09
CA TRP B 232 -10.78 -47.41 -8.92
C TRP B 232 -11.58 -47.57 -10.20
N SER B 233 -12.86 -47.93 -10.06
CA SER B 233 -13.74 -48.09 -11.21
C SER B 233 -14.96 -47.20 -11.13
N ALA B 234 -15.35 -46.68 -12.28
CA ALA B 234 -16.45 -45.73 -12.38
C ALA B 234 -17.81 -46.40 -12.50
N GLU B 235 -17.87 -47.71 -12.72
CA GLU B 235 -19.20 -48.28 -12.88
C GLU B 235 -19.77 -48.68 -11.52
N PRO B 236 -21.07 -48.45 -11.27
CA PRO B 236 -22.05 -47.83 -12.18
C PRO B 236 -22.35 -46.36 -11.87
N GLU B 237 -22.20 -45.49 -12.88
CA GLU B 237 -22.58 -44.08 -12.76
C GLU B 237 -21.89 -43.38 -11.56
N LYS B 238 -20.67 -43.81 -11.19
CA LYS B 238 -19.96 -43.13 -10.12
C LYS B 238 -19.29 -41.87 -10.64
N ALA B 239 -19.04 -40.93 -9.72
CA ALA B 239 -18.35 -39.68 -10.04
C ALA B 239 -16.85 -39.79 -9.80
N LEU B 240 -16.07 -39.32 -10.76
CA LEU B 240 -14.62 -39.22 -10.58
C LEU B 240 -14.27 -37.98 -9.73
N PHE B 241 -14.99 -36.90 -9.97
CA PHE B 241 -14.55 -35.60 -9.43
C PHE B 241 -15.79 -34.79 -9.10
N VAL B 242 -15.92 -34.34 -7.86
CA VAL B 242 -17.03 -33.46 -7.47
C VAL B 242 -16.40 -32.15 -6.99
N ASP B 243 -16.62 -31.07 -7.73
CA ASP B 243 -15.99 -29.75 -7.49
C ASP B 243 -16.95 -28.92 -6.64
N ILE B 244 -16.70 -28.88 -5.32
CA ILE B 244 -17.65 -28.30 -4.36
C ILE B 244 -17.35 -26.81 -4.22
N GLY B 245 -18.31 -25.98 -4.57
CA GLY B 245 -18.04 -24.52 -4.66
C GLY B 245 -17.10 -24.26 -5.82
N GLY B 246 -17.28 -24.96 -6.95
CA GLY B 246 -16.34 -24.87 -8.06
C GLY B 246 -16.39 -23.61 -8.90
N GLY B 247 -17.35 -22.71 -8.65
CA GLY B 247 -17.35 -21.42 -9.34
C GLY B 247 -17.65 -21.63 -10.83
N MET B 248 -16.81 -21.04 -11.70
CA MET B 248 -16.91 -21.26 -13.14
C MET B 248 -16.54 -22.67 -13.57
N GLY B 249 -16.07 -23.51 -12.65
CA GLY B 249 -15.74 -24.86 -13.03
C GLY B 249 -14.39 -25.05 -13.68
N HIS B 250 -13.45 -24.12 -13.46
CA HIS B 250 -12.12 -24.23 -14.09
C HIS B 250 -11.44 -25.53 -13.76
N ALA B 251 -11.59 -26.04 -12.53
CA ALA B 251 -10.92 -27.30 -12.18
C ALA B 251 -11.49 -28.48 -12.97
N CYS B 252 -12.83 -28.49 -13.15
CA CYS B 252 -13.46 -29.56 -13.95
C CYS B 252 -13.01 -29.47 -15.41
N ILE B 253 -12.98 -28.26 -15.95
CA ILE B 253 -12.55 -28.03 -17.33
C ILE B 253 -11.12 -28.51 -17.54
N ARG B 254 -10.19 -28.07 -16.68
CA ARG B 254 -8.81 -28.51 -16.82
C ARG B 254 -8.64 -30.02 -16.63
N LEU B 255 -9.40 -30.63 -15.69
CA LEU B 255 -9.31 -32.07 -15.50
C LEU B 255 -9.74 -32.84 -16.76
N ARG B 256 -10.87 -32.42 -17.35
CA ARG B 256 -11.32 -33.09 -18.58
C ARG B 256 -10.36 -32.80 -19.75
N GLU B 257 -9.73 -31.63 -19.76
CA GLU B 257 -8.77 -31.31 -20.82
C GLU B 257 -7.52 -32.18 -20.72
N LYS B 258 -7.02 -32.41 -19.50
CA LYS B 258 -5.79 -33.17 -19.33
C LYS B 258 -6.01 -34.69 -19.37
N TYR B 259 -7.19 -35.16 -18.96
CA TYR B 259 -7.48 -36.59 -18.89
C TYR B 259 -8.76 -36.90 -19.67
N PRO B 260 -8.78 -36.60 -20.97
CA PRO B 260 -10.05 -36.66 -21.71
C PRO B 260 -10.69 -38.05 -21.77
N ASN B 261 -9.96 -39.12 -21.46
CA ASN B 261 -10.51 -40.48 -21.55
C ASN B 261 -10.55 -41.20 -20.21
N GLN B 262 -10.30 -40.50 -19.11
CA GLN B 262 -10.60 -41.09 -17.81
C GLN B 262 -12.10 -41.20 -17.61
N PRO B 263 -12.64 -42.38 -17.32
CA PRO B 263 -14.08 -42.48 -17.07
C PRO B 263 -14.43 -41.98 -15.67
N GLY B 264 -15.72 -41.77 -15.48
CA GLY B 264 -16.25 -41.23 -14.23
C GLY B 264 -16.91 -39.88 -14.45
N ARG B 265 -17.98 -39.62 -13.69
CA ARG B 265 -18.67 -38.34 -13.81
C ARG B 265 -17.79 -37.21 -13.26
N VAL B 266 -17.86 -36.07 -13.91
CA VAL B 266 -17.19 -34.84 -13.42
C VAL B 266 -18.30 -33.82 -13.17
N ILE B 267 -18.41 -33.35 -11.91
CA ILE B 267 -19.60 -32.64 -11.43
C ILE B 267 -19.19 -31.32 -10.80
N LEU B 268 -19.70 -30.21 -11.34
CA LEU B 268 -19.49 -28.87 -10.79
C LEU B 268 -20.66 -28.57 -9.84
N GLN B 269 -20.36 -28.35 -8.56
CA GLN B 269 -21.40 -27.95 -7.58
C GLN B 269 -21.19 -26.50 -7.15
N ASP B 270 -22.25 -25.71 -7.17
CA ASP B 270 -22.25 -24.33 -6.69
C ASP B 270 -23.70 -23.90 -6.55
N LEU B 271 -23.90 -22.64 -6.14
CA LEU B 271 -25.25 -22.12 -6.00
C LEU B 271 -25.79 -21.74 -7.39
N PRO B 272 -27.11 -21.78 -7.56
CA PRO B 272 -27.70 -21.64 -8.92
C PRO B 272 -27.22 -20.41 -9.69
N PRO B 273 -27.08 -19.21 -9.11
CA PRO B 273 -26.66 -18.05 -9.97
C PRO B 273 -25.25 -18.20 -10.50
N VAL B 274 -24.38 -18.86 -9.71
CA VAL B 274 -23.02 -19.11 -10.18
C VAL B 274 -23.01 -20.17 -11.28
N LEU B 275 -23.77 -21.27 -11.11
CA LEU B 275 -23.85 -22.26 -12.19
C LEU B 275 -24.40 -21.64 -13.45
N GLN B 276 -25.31 -20.67 -13.29
CA GLN B 276 -25.89 -20.01 -14.46
C GLN B 276 -24.82 -19.24 -15.22
N ALA B 277 -24.00 -18.47 -14.50
CA ALA B 277 -22.89 -17.72 -15.11
C ALA B 277 -21.85 -18.65 -15.71
N ALA B 278 -21.70 -19.85 -15.16
CA ALA B 278 -20.73 -20.78 -15.71
C ALA B 278 -21.14 -21.38 -17.06
N GLN B 279 -22.43 -21.42 -17.41
CA GLN B 279 -22.84 -22.23 -18.56
C GLN B 279 -22.16 -21.77 -19.86
N ALA B 280 -22.00 -20.46 -20.03
CA ALA B 280 -21.46 -19.92 -21.27
C ALA B 280 -20.11 -20.55 -21.63
N THR B 281 -19.28 -20.84 -20.63
CA THR B 281 -17.92 -21.25 -20.88
C THR B 281 -17.65 -22.71 -20.52
N LEU B 282 -18.69 -23.50 -20.09
CA LEU B 282 -18.49 -24.91 -19.88
C LEU B 282 -18.48 -25.67 -21.20
N PRO B 283 -17.73 -26.77 -21.29
CA PRO B 283 -17.87 -27.67 -22.44
C PRO B 283 -19.32 -28.12 -22.59
N LEU B 284 -19.72 -28.35 -23.85
CA LEU B 284 -21.11 -28.73 -24.08
C LEU B 284 -21.40 -30.13 -23.55
N SER B 285 -20.39 -30.96 -23.33
CA SER B 285 -20.67 -32.23 -22.68
C SER B 285 -19.47 -32.64 -21.84
N GLY B 286 -19.71 -33.57 -20.90
CA GLY B 286 -18.69 -34.16 -20.05
C GLY B 286 -18.61 -33.57 -18.64
N ILE B 287 -19.25 -32.43 -18.38
CA ILE B 287 -19.23 -31.79 -17.03
C ILE B 287 -20.67 -31.47 -16.65
N GLU B 288 -21.13 -32.06 -15.54
CA GLU B 288 -22.49 -31.80 -15.06
C GLU B 288 -22.53 -30.58 -14.15
N SER B 289 -23.59 -29.79 -14.25
CA SER B 289 -23.81 -28.64 -13.37
C SER B 289 -24.88 -29.05 -12.34
N MET B 290 -24.53 -29.03 -11.05
CA MET B 290 -25.43 -29.58 -10.03
C MET B 290 -25.56 -28.53 -8.92
N PRO B 291 -26.69 -27.84 -8.81
CA PRO B 291 -26.87 -26.90 -7.69
C PRO B 291 -26.76 -27.60 -6.34
N HIS B 292 -25.93 -27.02 -5.48
CA HIS B 292 -25.75 -27.67 -4.19
C HIS B 292 -25.12 -26.65 -3.25
N ASN B 293 -25.72 -26.49 -2.09
CA ASN B 293 -25.19 -25.65 -1.01
C ASN B 293 -24.27 -26.50 -0.12
N PHE B 294 -22.99 -26.09 0.01
CA PHE B 294 -22.04 -26.94 0.73
C PHE B 294 -22.20 -26.86 2.25
N HIS B 295 -23.19 -26.11 2.75
CA HIS B 295 -23.60 -26.19 4.15
C HIS B 295 -24.66 -27.27 4.37
N THR B 296 -24.93 -28.10 3.36
CA THR B 296 -25.94 -29.16 3.43
C THR B 296 -25.34 -30.50 3.01
N PRO B 297 -25.98 -31.61 3.39
CA PRO B 297 -25.39 -32.92 3.12
C PRO B 297 -25.12 -33.16 1.65
N GLN B 298 -23.94 -33.70 1.39
CA GLN B 298 -23.44 -33.94 0.03
C GLN B 298 -24.28 -34.99 -0.70
N PRO B 299 -24.88 -34.68 -1.86
CA PRO B 299 -25.77 -35.67 -2.49
C PRO B 299 -25.04 -36.78 -3.24
N VAL B 300 -23.84 -36.52 -3.77
CA VAL B 300 -23.15 -37.53 -4.58
C VAL B 300 -22.41 -38.52 -3.68
N GLN B 301 -22.79 -39.81 -3.75
CA GLN B 301 -22.25 -40.84 -2.86
C GLN B 301 -21.08 -41.58 -3.52
N GLY B 302 -20.05 -41.85 -2.72
CA GLY B 302 -18.92 -42.66 -3.20
C GLY B 302 -18.17 -42.10 -4.40
N ALA B 303 -18.02 -40.77 -4.48
CA ALA B 303 -17.18 -40.23 -5.52
C ALA B 303 -15.71 -40.52 -5.20
N LYS B 304 -14.87 -40.54 -6.23
CA LYS B 304 -13.43 -40.73 -5.97
C LYS B 304 -12.82 -39.49 -5.31
N PHE B 305 -13.12 -38.32 -5.84
CA PHE B 305 -12.52 -37.09 -5.31
C PHE B 305 -13.63 -36.06 -5.03
N TYR B 306 -13.70 -35.57 -3.79
CA TYR B 306 -14.51 -34.43 -3.41
C TYR B 306 -13.52 -33.26 -3.23
N PHE B 307 -13.62 -32.25 -4.07
CA PHE B 307 -12.57 -31.25 -4.24
C PHE B 307 -13.04 -29.92 -3.68
N LEU B 308 -12.24 -29.33 -2.77
CA LEU B 308 -12.54 -28.02 -2.18
C LEU B 308 -11.36 -27.09 -2.39
N ARG B 309 -11.47 -26.23 -3.40
CA ARG B 309 -10.38 -25.30 -3.74
C ARG B 309 -10.74 -23.87 -3.30
N LEU B 310 -9.88 -23.29 -2.42
CA LEU B 310 -10.08 -21.95 -1.85
C LEU B 310 -11.48 -21.78 -1.24
N ILE B 311 -11.94 -22.83 -0.58
CA ILE B 311 -13.22 -22.79 0.11
C ILE B 311 -12.94 -22.62 1.61
N LEU B 312 -12.19 -23.58 2.17
CA LEU B 312 -12.21 -23.66 3.64
C LEU B 312 -11.42 -22.55 4.30
N ARG B 313 -10.51 -21.90 3.56
CA ARG B 313 -9.80 -20.74 4.13
C ARG B 313 -10.76 -19.63 4.54
N ASP B 314 -11.98 -19.61 4.00
CA ASP B 314 -12.90 -18.51 4.24
C ASP B 314 -13.79 -18.73 5.45
N PHE B 315 -13.59 -19.82 6.19
CA PHE B 315 -14.40 -20.13 7.34
C PHE B 315 -13.56 -20.41 8.56
N PRO B 316 -13.97 -19.93 9.74
CA PRO B 316 -13.33 -20.39 10.96
C PRO B 316 -13.48 -21.90 11.14
N ASP B 317 -12.65 -22.47 12.03
CA ASP B 317 -12.67 -23.92 12.23
C ASP B 317 -14.07 -24.51 12.42
N HIS B 318 -14.91 -23.88 13.24
CA HIS B 318 -16.22 -24.48 13.52
C HIS B 318 -16.99 -24.69 12.22
N GLN B 319 -17.03 -23.64 11.36
CA GLN B 319 -17.79 -23.72 10.13
C GLN B 319 -17.09 -24.57 9.08
N ALA B 320 -15.73 -24.49 9.01
CA ALA B 320 -15.03 -25.33 8.06
C ALA B 320 -15.26 -26.80 8.38
N LEU B 321 -15.27 -27.12 9.69
CA LEU B 321 -15.53 -28.49 10.14
C LEU B 321 -16.91 -28.92 9.70
N GLU B 322 -17.91 -28.03 9.85
CA GLU B 322 -19.26 -28.38 9.41
C GLU B 322 -19.31 -28.68 7.91
N ILE B 323 -18.56 -27.91 7.09
CA ILE B 323 -18.52 -28.19 5.65
C ILE B 323 -17.99 -29.61 5.39
N LEU B 324 -16.88 -29.96 6.05
CA LEU B 324 -16.34 -31.32 5.92
C LEU B 324 -17.32 -32.38 6.44
N GLN B 325 -18.01 -32.08 7.53
CA GLN B 325 -18.88 -33.10 8.11
C GLN B 325 -20.12 -33.34 7.24
N ASN B 326 -20.46 -32.38 6.36
CA ASN B 326 -21.52 -32.65 5.37
C ASN B 326 -21.05 -33.57 4.24
N ILE B 327 -19.75 -33.78 4.06
CA ILE B 327 -19.25 -34.59 2.96
C ILE B 327 -18.92 -36.02 3.43
N VAL B 328 -18.35 -36.12 4.62
CA VAL B 328 -17.78 -37.40 5.06
C VAL B 328 -18.82 -38.52 4.99
N PRO B 329 -20.08 -38.32 5.35
CA PRO B 329 -21.04 -39.46 5.31
C PRO B 329 -21.26 -39.98 3.91
N ALA B 330 -20.97 -39.21 2.86
CA ALA B 330 -21.09 -39.66 1.48
C ALA B 330 -19.90 -40.49 1.01
N MET B 331 -18.82 -40.56 1.79
CA MET B 331 -17.59 -41.20 1.34
C MET B 331 -17.67 -42.73 1.46
N ASP B 332 -17.03 -43.42 0.54
CA ASP B 332 -16.71 -44.83 0.81
C ASP B 332 -15.20 -44.93 1.02
N ALA B 333 -14.70 -46.16 1.24
CA ALA B 333 -13.28 -46.33 1.57
C ALA B 333 -12.36 -45.77 0.50
N GLU B 334 -12.78 -45.78 -0.76
CA GLU B 334 -11.90 -45.29 -1.81
C GLU B 334 -12.00 -43.76 -2.00
N SER B 335 -13.07 -43.16 -1.48
CA SER B 335 -13.28 -41.71 -1.59
C SER B 335 -12.13 -40.94 -0.94
N ARG B 336 -11.82 -39.76 -1.52
CA ARG B 336 -10.89 -38.83 -0.90
C ARG B 336 -11.50 -37.43 -0.93
N ILE B 337 -11.21 -36.66 0.13
CA ILE B 337 -11.50 -35.22 0.08
C ILE B 337 -10.18 -34.55 -0.27
N VAL B 338 -10.17 -33.70 -1.32
CA VAL B 338 -8.95 -33.03 -1.74
C VAL B 338 -9.13 -31.56 -1.38
N ILE B 339 -8.35 -31.07 -0.42
CA ILE B 339 -8.40 -29.65 -0.04
C ILE B 339 -7.27 -28.97 -0.80
N ASP B 340 -7.61 -28.01 -1.70
CA ASP B 340 -6.62 -27.28 -2.50
C ASP B 340 -6.64 -25.86 -1.98
N ASP B 341 -5.60 -25.48 -1.25
CA ASP B 341 -5.66 -24.20 -0.54
C ASP B 341 -4.24 -23.83 -0.16
N GLY B 342 -4.12 -22.68 0.53
CA GLY B 342 -2.80 -22.24 0.99
C GLY B 342 -2.31 -23.11 2.13
N VAL B 343 -1.00 -23.40 2.11
CA VAL B 343 -0.39 -24.20 3.18
C VAL B 343 0.89 -23.49 3.63
N PRO B 344 0.77 -22.34 4.31
CA PRO B 344 1.97 -21.59 4.69
C PRO B 344 2.87 -22.42 5.58
N PRO B 345 4.17 -22.09 5.61
CA PRO B 345 5.14 -22.85 6.41
C PRO B 345 5.01 -22.47 7.88
N GLU B 346 5.66 -23.30 8.72
CA GLU B 346 5.70 -23.06 10.17
C GLU B 346 6.38 -21.75 10.52
N LYS B 347 7.37 -21.35 9.72
CA LYS B 347 8.08 -20.11 9.91
C LYS B 347 8.51 -19.56 8.56
N GLY B 348 8.88 -18.26 8.55
CA GLY B 348 9.32 -17.66 7.31
C GLY B 348 8.25 -17.45 6.25
N ALA B 349 6.99 -17.36 6.65
CA ALA B 349 5.92 -17.21 5.69
C ALA B 349 6.08 -15.87 4.97
N ARG B 350 5.67 -15.84 3.70
CA ARG B 350 5.81 -14.67 2.81
C ARG B 350 4.63 -13.70 2.95
N TRP B 351 4.84 -12.46 2.43
CA TRP B 351 3.84 -11.41 2.65
C TRP B 351 2.48 -11.78 2.07
N ALA B 352 2.42 -12.50 0.96
CA ALA B 352 1.10 -12.81 0.43
C ALA B 352 0.35 -13.77 1.35
N GLU B 353 1.07 -14.64 2.05
CA GLU B 353 0.43 -15.60 2.98
C GLU B 353 -0.03 -14.93 4.26
N THR B 354 0.84 -14.14 4.85
CA THR B 354 0.43 -13.53 6.09
C THR B 354 -0.52 -12.38 5.86
N GLY B 355 -0.36 -11.63 4.75
CA GLY B 355 -1.33 -10.59 4.51
C GLY B 355 -2.71 -11.15 4.26
N THR B 356 -2.77 -12.29 3.57
N THR B 356 -2.79 -12.29 3.57
CA THR B 356 -4.06 -12.96 3.40
CA THR B 356 -4.11 -12.91 3.41
C THR B 356 -4.64 -13.29 4.76
C THR B 356 -4.68 -13.32 4.76
N ASP B 357 -3.81 -13.83 5.64
CA ASP B 357 -4.27 -14.24 6.98
C ASP B 357 -4.92 -13.06 7.72
N ILE B 358 -4.25 -11.90 7.72
CA ILE B 358 -4.79 -10.74 8.44
C ILE B 358 -6.08 -10.22 7.79
N CYS B 359 -6.16 -10.28 6.46
CA CYS B 359 -7.38 -9.84 5.78
C CYS B 359 -8.56 -10.77 6.07
N ILE B 360 -8.36 -12.08 5.97
CA ILE B 360 -9.51 -12.95 6.18
C ILE B 360 -9.87 -13.01 7.65
N MET B 361 -8.90 -12.80 8.55
CA MET B 361 -9.27 -12.62 9.95
C MET B 361 -10.23 -11.44 10.11
N SER B 362 -9.88 -10.29 9.50
CA SER B 362 -10.63 -9.05 9.66
C SER B 362 -12.02 -9.11 9.02
N ALA B 363 -12.15 -9.72 7.83
CA ALA B 363 -13.43 -9.77 7.12
C ALA B 363 -14.26 -10.99 7.53
N LEU B 364 -13.63 -12.14 7.68
CA LEU B 364 -14.38 -13.42 7.73
C LEU B 364 -14.23 -14.15 9.06
N GLY B 365 -13.37 -13.66 9.94
CA GLY B 365 -13.01 -14.37 11.13
C GLY B 365 -12.22 -15.65 10.95
N SER B 366 -11.64 -15.91 9.77
N SER B 366 -11.68 -15.92 9.76
CA SER B 366 -11.00 -17.17 9.46
CA SER B 366 -11.00 -17.17 9.46
C SER B 366 -9.48 -16.99 9.53
C SER B 366 -9.49 -16.97 9.50
N LYS B 367 -8.73 -17.88 8.89
CA LYS B 367 -7.28 -17.84 9.06
C LYS B 367 -6.63 -18.73 7.99
N GLU B 368 -5.37 -18.39 7.64
CA GLU B 368 -4.54 -19.36 6.92
C GLU B 368 -4.14 -20.49 7.87
N ARG B 369 -3.89 -21.69 7.29
CA ARG B 369 -3.60 -22.88 8.07
C ARG B 369 -2.31 -23.51 7.58
N THR B 370 -1.40 -23.80 8.51
CA THR B 370 -0.25 -24.65 8.15
C THR B 370 -0.72 -26.09 7.90
N GLN B 371 0.19 -26.91 7.37
CA GLN B 371 -0.09 -28.34 7.19
C GLN B 371 -0.57 -28.95 8.51
N ARG B 372 0.11 -28.66 9.62
CA ARG B 372 -0.34 -29.26 10.88
C ARG B 372 -1.74 -28.80 11.27
N GLN B 373 -2.08 -27.54 10.99
CA GLN B 373 -3.39 -27.06 11.34
C GLN B 373 -4.45 -27.67 10.43
N TRP B 374 -4.14 -27.87 9.14
CA TRP B 374 -5.13 -28.55 8.28
C TRP B 374 -5.37 -29.96 8.81
N GLU B 375 -4.31 -30.63 9.22
CA GLU B 375 -4.45 -32.01 9.71
C GLU B 375 -5.27 -32.07 10.98
N GLU B 376 -5.07 -31.11 11.87
CA GLU B 376 -5.85 -31.08 13.10
C GLU B 376 -7.34 -30.83 12.81
N LEU B 377 -7.62 -29.90 11.90
CA LEU B 377 -9.01 -29.63 11.50
C LEU B 377 -9.66 -30.86 10.87
N ALA B 378 -8.95 -31.49 9.95
CA ALA B 378 -9.50 -32.64 9.23
C ALA B 378 -9.73 -33.83 10.16
N ALA B 379 -8.84 -34.00 11.16
CA ALA B 379 -8.99 -35.11 12.10
C ALA B 379 -10.28 -35.00 12.89
N LYS B 380 -10.71 -33.77 13.19
CA LYS B 380 -12.00 -33.55 13.83
C LYS B 380 -13.16 -34.04 12.99
N ALA B 381 -12.97 -34.21 11.68
CA ALA B 381 -13.98 -34.76 10.81
C ALA B 381 -13.76 -36.23 10.55
N GLY B 382 -12.74 -36.84 11.17
CA GLY B 382 -12.50 -38.25 10.99
C GLY B 382 -11.67 -38.54 9.77
N LEU B 383 -10.83 -37.59 9.35
CA LEU B 383 -10.01 -37.75 8.18
C LEU B 383 -8.53 -37.75 8.57
N GLN B 384 -7.75 -38.41 7.73
CA GLN B 384 -6.30 -38.46 7.88
C GLN B 384 -5.65 -38.10 6.55
N LEU B 385 -4.52 -37.38 6.62
CA LEU B 385 -3.81 -36.93 5.42
C LEU B 385 -3.04 -38.10 4.80
N GLN B 386 -3.30 -38.37 3.53
CA GLN B 386 -2.60 -39.40 2.77
C GLN B 386 -1.45 -38.86 1.96
N ALA B 387 -1.60 -37.65 1.39
CA ALA B 387 -0.58 -37.12 0.48
C ALA B 387 -0.81 -35.63 0.35
N LEU B 388 0.27 -34.90 0.06
CA LEU B 388 0.24 -33.46 -0.13
C LEU B 388 1.02 -33.13 -1.39
N TYR B 389 0.38 -32.46 -2.35
CA TYR B 389 1.05 -32.18 -3.62
C TYR B 389 1.10 -30.67 -3.85
N GLN B 390 2.23 -30.04 -3.51
N GLN B 390 2.24 -30.08 -3.54
CA GLN B 390 2.42 -28.60 -3.74
CA GLN B 390 2.48 -28.67 -3.81
C GLN B 390 2.56 -28.31 -5.23
C GLN B 390 2.41 -28.40 -5.32
N TYR B 391 1.99 -27.18 -5.69
CA TYR B 391 2.09 -26.81 -7.09
C TYR B 391 2.45 -25.34 -7.30
N THR B 392 2.59 -24.54 -6.24
CA THR B 392 3.15 -23.19 -6.39
C THR B 392 4.26 -23.00 -5.37
N TRP B 393 5.21 -22.12 -5.71
CA TRP B 393 6.37 -21.75 -4.88
C TRP B 393 6.71 -20.32 -5.21
N PRO B 394 7.23 -19.54 -4.24
CA PRO B 394 7.50 -19.88 -2.83
C PRO B 394 6.23 -19.79 -1.94
N VAL B 395 5.18 -19.09 -2.36
CA VAL B 395 3.93 -19.14 -1.61
C VAL B 395 3.30 -20.48 -1.89
N VAL B 396 3.02 -21.25 -0.84
CA VAL B 396 2.58 -22.66 -0.95
C VAL B 396 1.08 -22.77 -1.22
N ASN B 397 0.68 -23.27 -2.40
CA ASN B 397 -0.65 -23.85 -2.61
C ASN B 397 -0.44 -25.33 -2.87
N ALA B 398 -1.31 -26.18 -2.28
CA ALA B 398 -1.11 -27.62 -2.41
C ALA B 398 -2.47 -28.30 -2.42
N ALA B 399 -2.57 -29.44 -3.12
CA ALA B 399 -3.71 -30.34 -3.06
C ALA B 399 -3.40 -31.38 -1.98
N MET B 400 -4.15 -31.31 -0.89
CA MET B 400 -3.99 -32.18 0.25
C MET B 400 -5.05 -33.26 0.12
N VAL B 401 -4.64 -34.54 0.10
CA VAL B 401 -5.56 -35.66 -0.14
C VAL B 401 -5.84 -36.36 1.20
N PHE B 402 -7.11 -36.35 1.62
CA PHE B 402 -7.55 -36.94 2.90
C PHE B 402 -8.43 -38.17 2.65
N SER B 403 -8.26 -39.19 3.49
CA SER B 403 -9.16 -40.35 3.57
C SER B 403 -9.81 -40.47 4.94
N LEU B 404 -10.85 -41.29 5.02
CA LEU B 404 -11.40 -41.67 6.31
C LEU B 404 -10.32 -42.30 7.20
N GLN B 405 -10.37 -42.01 8.49
CA GLN B 405 -9.42 -42.59 9.44
C GLN B 405 -9.71 -44.08 9.47
#